data_1HDU
#
_entry.id   1HDU
#
_cell.length_a   65.570
_cell.length_b   60.524
_cell.length_c   74.410
_cell.angle_alpha   90.00
_cell.angle_beta   97.84
_cell.angle_gamma   90.00
#
_symmetry.space_group_name_H-M   'P 1'
#
loop_
_entity.id
_entity.type
_entity.pdbx_description
1 polymer 'CARBOXYPEPTIDASE A'
2 non-polymer 'ZINC ION'
3 non-polymer D-[(AMINO)CARBONYL]PHENYLALANINE
4 water water
#
_entity_poly.entity_id   1
_entity_poly.type   'polypeptide(L)'
_entity_poly.pdbx_seq_one_letter_code
;ARSTNTFNYATYHTLDEIYDFMDLLVAQHPELVSKLQIGRSYEGRPIYVLKFSTGGSNRPAIWIDLGIHSREWITQATGV
WFAKKFTENYGQNPSFTAILDSMDIFLEIVTNPNGFAFTHSENRLWRKTRSVTSSSLCVGVDANRNWDAGFGKAGASSSP
CSETYHGKYANSEVEVKSIVDFVKNHGNFKAFLSIHSYSQLLLYPYGYTTQSIPDKTELNQVAKSAVAALKSLYGTSYKY
GSIITTIYQASGGSIDWSYNQGIKYSFTFELRDTGRYGFLLPASQIIPTAQETWLGVLTIMEHTVNN
;
_entity_poly.pdbx_strand_id   A,B,D,E
#
# COMPACT_ATOMS: atom_id res chain seq x y z
N ALA A 1 8.85 25.07 28.54
CA ALA A 1 7.95 24.72 29.67
C ALA A 1 7.65 25.94 30.54
N ARG A 2 8.66 26.40 31.27
CA ARG A 2 8.53 27.56 32.15
C ARG A 2 9.69 28.53 31.91
N SER A 3 9.84 28.95 30.66
CA SER A 3 10.89 29.86 30.22
C SER A 3 10.98 29.69 28.71
N THR A 4 10.94 30.79 27.96
CA THR A 4 11.02 30.68 26.52
C THR A 4 12.36 30.09 26.10
N ASN A 5 13.32 30.08 27.02
CA ASN A 5 14.64 29.52 26.73
C ASN A 5 14.62 28.00 26.81
N THR A 6 13.60 27.45 27.44
CA THR A 6 13.47 26.00 27.58
C THR A 6 12.41 25.42 26.64
N PHE A 7 11.62 26.31 26.06
CA PHE A 7 10.57 25.94 25.12
C PHE A 7 11.17 25.23 23.91
N ASN A 8 10.51 24.16 23.45
CA ASN A 8 10.98 23.40 22.29
C ASN A 8 10.44 23.98 20.99
N TYR A 9 11.30 24.69 20.27
CA TYR A 9 10.92 25.32 19.00
C TYR A 9 10.96 24.36 17.82
N ALA A 10 11.53 23.18 18.03
CA ALA A 10 11.67 22.18 16.96
C ALA A 10 10.53 21.16 16.92
N THR A 11 9.38 21.52 17.46
CA THR A 11 8.24 20.61 17.46
C THR A 11 6.96 21.42 17.31
N TYR A 12 5.87 20.76 16.92
CA TYR A 12 4.58 21.40 16.75
C TYR A 12 3.84 21.45 18.08
N HIS A 13 3.18 22.56 18.34
CA HIS A 13 2.45 22.74 19.60
C HIS A 13 0.95 22.90 19.45
N THR A 14 0.24 22.75 20.57
CA THR A 14 -1.20 22.90 20.60
C THR A 14 -1.53 24.36 20.85
N LEU A 15 -2.80 24.69 20.77
CA LEU A 15 -3.23 26.07 20.98
C LEU A 15 -2.87 26.54 22.38
N ASP A 16 -3.15 25.73 23.40
CA ASP A 16 -2.84 26.13 24.77
C ASP A 16 -1.35 26.40 24.96
N GLU A 17 -0.50 25.56 24.38
CA GLU A 17 0.93 25.73 24.53
C GLU A 17 1.42 27.03 23.89
N ILE A 18 0.86 27.38 22.74
CA ILE A 18 1.24 28.61 22.05
C ILE A 18 0.77 29.82 22.85
N TYR A 19 -0.45 29.76 23.39
CA TYR A 19 -0.97 30.86 24.18
C TYR A 19 -0.16 31.04 25.46
N ASP A 20 0.25 29.93 26.07
CA ASP A 20 1.06 30.00 27.28
C ASP A 20 2.38 30.67 26.94
N PHE A 21 2.95 30.28 25.80
CA PHE A 21 4.23 30.84 25.33
C PHE A 21 4.17 32.36 25.27
N MET A 22 3.05 32.88 24.76
CA MET A 22 2.86 34.33 24.66
C MET A 22 2.97 35.01 26.01
N ASP A 23 2.36 34.41 27.03
CA ASP A 23 2.41 34.99 28.37
C ASP A 23 3.82 34.96 28.94
N LEU A 24 4.55 33.89 28.66
CA LEU A 24 5.92 33.78 29.14
C LEU A 24 6.79 34.81 28.45
N LEU A 25 6.64 34.97 27.15
CA LEU A 25 7.45 35.95 26.43
C LEU A 25 7.23 37.35 26.99
N VAL A 26 5.97 37.72 27.16
CA VAL A 26 5.62 39.04 27.68
C VAL A 26 6.15 39.25 29.10
N ALA A 27 6.09 38.19 29.91
CA ALA A 27 6.58 38.27 31.29
C ALA A 27 8.10 38.46 31.32
N GLN A 28 8.78 37.90 30.33
CA GLN A 28 10.23 38.00 30.25
C GLN A 28 10.74 39.29 29.58
N HIS A 29 9.90 39.93 28.77
CA HIS A 29 10.31 41.16 28.08
C HIS A 29 9.19 42.20 28.09
N PRO A 30 8.78 42.65 29.29
CA PRO A 30 7.72 43.65 29.51
C PRO A 30 7.91 44.98 28.81
N GLU A 31 9.17 45.38 28.64
CA GLU A 31 9.49 46.65 28.00
C GLU A 31 9.45 46.61 26.49
N LEU A 32 9.37 45.41 25.91
CA LEU A 32 9.36 45.26 24.47
C LEU A 32 8.10 44.66 23.87
N VAL A 33 7.49 43.73 24.59
CA VAL A 33 6.30 43.08 24.06
C VAL A 33 5.09 43.08 24.99
N SER A 34 3.91 43.23 24.39
CA SER A 34 2.66 43.20 25.11
C SER A 34 1.64 42.40 24.30
N LYS A 35 0.69 41.79 25.00
CA LYS A 35 -0.32 40.97 24.36
C LYS A 35 -1.64 41.71 24.28
N LEU A 36 -2.18 41.81 23.08
CA LEU A 36 -3.44 42.49 22.85
C LEU A 36 -4.51 41.50 22.39
N GLN A 37 -5.72 41.62 22.92
CA GLN A 37 -6.81 40.75 22.50
C GLN A 37 -7.65 41.60 21.54
N ILE A 38 -7.63 41.26 20.26
CA ILE A 38 -8.36 42.04 19.28
C ILE A 38 -9.77 41.55 18.96
N GLY A 39 -10.19 40.48 19.64
CA GLY A 39 -11.53 39.95 19.42
C GLY A 39 -11.65 38.53 19.93
N ARG A 40 -12.77 37.89 19.61
CA ARG A 40 -12.99 36.50 20.00
C ARG A 40 -13.45 35.73 18.78
N SER A 41 -13.04 34.47 18.70
CA SER A 41 -13.40 33.60 17.58
C SER A 41 -14.89 33.27 17.59
N TYR A 42 -15.35 32.57 16.56
CA TYR A 42 -16.75 32.19 16.48
C TYR A 42 -17.14 31.39 17.73
N GLU A 43 -16.27 30.46 18.13
CA GLU A 43 -16.54 29.64 19.29
C GLU A 43 -16.14 30.28 20.63
N GLY A 44 -15.83 31.57 20.59
CA GLY A 44 -15.49 32.31 21.80
C GLY A 44 -14.06 32.36 22.29
N ARG A 45 -13.11 31.78 21.56
CA ARG A 45 -11.71 31.81 22.01
C ARG A 45 -11.12 33.18 21.78
N PRO A 46 -10.28 33.66 22.70
CA PRO A 46 -9.69 34.99 22.48
C PRO A 46 -8.72 34.99 21.30
N ILE A 47 -8.71 36.10 20.57
CA ILE A 47 -7.81 36.27 19.44
C ILE A 47 -6.72 37.23 19.90
N TYR A 48 -5.48 36.74 19.97
CA TYR A 48 -4.35 37.55 20.44
C TYR A 48 -3.37 38.02 19.38
N VAL A 49 -2.82 39.20 19.61
CA VAL A 49 -1.80 39.76 18.73
C VAL A 49 -0.67 40.19 19.65
N LEU A 50 0.57 39.96 19.22
CA LEU A 50 1.71 40.39 20.03
C LEU A 50 2.22 41.67 19.43
N LYS A 51 2.37 42.69 20.26
CA LYS A 51 2.85 43.98 19.81
C LYS A 51 4.28 44.18 20.28
N PHE A 52 5.20 44.35 19.33
CA PHE A 52 6.58 44.58 19.70
C PHE A 52 6.79 46.07 19.46
N SER A 53 7.07 46.80 20.53
CA SER A 53 7.27 48.23 20.40
C SER A 53 8.36 48.71 21.33
N THR A 54 9.02 49.77 20.88
CA THR A 54 10.10 50.36 21.63
C THR A 54 9.65 51.68 22.24
N GLY A 55 8.44 52.09 21.89
CA GLY A 55 7.89 53.34 22.40
C GLY A 55 7.08 54.08 21.34
N GLY A 56 6.84 55.37 21.58
CA GLY A 56 6.09 56.16 20.63
C GLY A 56 4.59 56.04 20.79
N SER A 57 3.84 56.84 20.02
CA SER A 57 2.39 56.85 20.08
C SER A 57 1.80 55.87 19.08
N ASN A 58 1.72 56.31 17.83
CA ASN A 58 1.19 55.48 16.74
C ASN A 58 2.22 55.36 15.64
N ARG A 59 3.40 54.85 15.99
CA ARG A 59 4.47 54.68 15.04
C ARG A 59 4.04 53.83 13.86
N PRO A 60 4.61 54.09 12.67
CA PRO A 60 4.24 53.30 11.49
C PRO A 60 4.44 51.85 11.89
N ALA A 61 3.59 50.96 11.38
CA ALA A 61 3.67 49.57 11.78
C ALA A 61 3.70 48.54 10.67
N ILE A 62 4.16 47.35 11.06
CA ILE A 62 4.26 46.20 10.18
C ILE A 62 3.30 45.15 10.73
N TRP A 63 2.43 44.62 9.87
CA TRP A 63 1.50 43.60 10.28
C TRP A 63 1.93 42.25 9.71
N ILE A 64 1.89 41.22 10.55
CA ILE A 64 2.23 39.87 10.12
C ILE A 64 1.26 38.87 10.72
N ASP A 65 0.56 38.12 9.88
CA ASP A 65 -0.35 37.11 10.40
C ASP A 65 0.03 35.74 9.85
N LEU A 66 -0.23 34.72 10.65
CA LEU A 66 0.07 33.35 10.25
C LEU A 66 -1.09 32.48 10.71
N GLY A 67 -1.22 31.31 10.11
CA GLY A 67 -2.28 30.40 10.51
C GLY A 67 -3.72 30.78 10.19
N ILE A 68 -3.94 31.64 9.21
CA ILE A 68 -5.32 31.98 8.86
C ILE A 68 -5.97 30.68 8.37
N HIS A 69 -5.15 29.80 7.80
CA HIS A 69 -5.62 28.48 7.36
C HIS A 69 -5.01 27.51 8.36
N SER A 70 -5.86 26.95 9.22
CA SER A 70 -5.42 26.06 10.31
C SER A 70 -4.46 24.91 10.04
N ARG A 71 -4.65 24.21 8.91
CA ARG A 71 -3.80 23.06 8.58
C ARG A 71 -2.35 23.36 8.18
N GLU A 72 -2.06 24.63 7.94
CA GLU A 72 -0.70 25.01 7.53
C GLU A 72 0.15 25.24 8.77
N TRP A 73 0.34 24.16 9.53
CA TRP A 73 1.09 24.17 10.79
C TRP A 73 2.47 24.81 10.79
N ILE A 74 3.17 24.73 9.67
CA ILE A 74 4.49 25.32 9.59
C ILE A 74 4.40 26.84 9.85
N THR A 75 3.25 27.44 9.57
CA THR A 75 3.11 28.89 9.78
C THR A 75 3.05 29.29 11.27
N GLN A 76 2.20 28.65 12.06
CA GLN A 76 2.13 29.01 13.48
C GLN A 76 3.48 28.70 14.16
N ALA A 77 4.13 27.62 13.72
CA ALA A 77 5.42 27.22 14.27
C ALA A 77 6.49 28.28 13.96
N THR A 78 6.40 28.87 12.77
CA THR A 78 7.34 29.90 12.36
C THR A 78 7.05 31.19 13.16
N GLY A 79 5.77 31.45 13.41
CA GLY A 79 5.37 32.63 14.16
C GLY A 79 5.93 32.61 15.57
N VAL A 80 5.91 31.44 16.19
CA VAL A 80 6.45 31.28 17.54
C VAL A 80 7.95 31.58 17.53
N TRP A 81 8.66 31.05 16.52
CA TRP A 81 10.10 31.29 16.42
C TRP A 81 10.39 32.78 16.17
N PHE A 82 9.58 33.41 15.33
CA PHE A 82 9.73 34.83 15.02
C PHE A 82 9.63 35.66 16.29
N ALA A 83 8.61 35.36 17.10
CA ALA A 83 8.38 36.08 18.35
C ALA A 83 9.60 36.06 19.25
N LYS A 84 10.21 34.88 19.37
CA LYS A 84 11.41 34.73 20.19
C LYS A 84 12.59 35.45 19.56
N LYS A 85 12.72 35.32 18.24
CA LYS A 85 13.84 35.97 17.57
C LYS A 85 13.81 37.49 17.75
N PHE A 86 12.63 38.09 17.66
CA PHE A 86 12.51 39.54 17.83
C PHE A 86 13.13 39.97 19.16
N THR A 87 12.85 39.24 20.22
CA THR A 87 13.38 39.59 21.54
C THR A 87 14.88 39.33 21.66
N GLU A 88 15.40 38.41 20.86
CA GLU A 88 16.83 38.08 20.90
C GLU A 88 17.70 39.01 20.08
N ASN A 89 17.20 39.45 18.92
CA ASN A 89 17.97 40.31 18.04
C ASN A 89 17.90 41.81 18.31
N TYR A 90 16.87 42.27 18.99
CA TYR A 90 16.80 43.70 19.26
C TYR A 90 17.95 44.09 20.18
N GLY A 91 18.75 45.06 19.73
CA GLY A 91 19.89 45.49 20.52
C GLY A 91 21.15 44.74 20.14
N GLN A 92 21.00 43.68 19.36
CA GLN A 92 22.14 42.86 18.94
C GLN A 92 22.37 42.96 17.44
N ASN A 93 21.30 42.88 16.65
CA ASN A 93 21.39 42.98 15.21
C ASN A 93 21.14 44.44 14.82
N PRO A 94 22.15 45.10 14.22
CA PRO A 94 22.07 46.51 13.79
C PRO A 94 20.87 46.84 12.92
N SER A 95 20.57 45.98 11.94
CA SER A 95 19.46 46.21 11.04
C SER A 95 18.10 46.13 11.74
N PHE A 96 17.87 45.03 12.47
CA PHE A 96 16.60 44.86 13.16
C PHE A 96 16.42 45.90 14.26
N THR A 97 17.49 46.22 14.97
CA THR A 97 17.41 47.21 16.04
C THR A 97 16.92 48.54 15.44
N ALA A 98 17.46 48.90 14.27
CA ALA A 98 17.09 50.13 13.59
C ALA A 98 15.60 50.11 13.24
N ILE A 99 15.11 48.94 12.84
CA ILE A 99 13.71 48.81 12.48
C ILE A 99 12.79 49.02 13.68
N LEU A 100 13.05 48.32 14.78
CA LEU A 100 12.23 48.45 15.97
C LEU A 100 12.36 49.79 16.69
N ASP A 101 13.43 50.53 16.45
CA ASP A 101 13.58 51.83 17.10
C ASP A 101 12.68 52.88 16.48
N SER A 102 12.17 52.60 15.28
CA SER A 102 11.31 53.55 14.58
C SER A 102 9.91 53.02 14.23
N MET A 103 9.74 51.70 14.24
CA MET A 103 8.44 51.12 13.90
C MET A 103 8.00 50.04 14.88
N ASP A 104 6.70 49.76 14.88
CA ASP A 104 6.13 48.72 15.72
C ASP A 104 5.84 47.53 14.84
N ILE A 105 5.87 46.34 15.44
CA ILE A 105 5.56 45.13 14.69
C ILE A 105 4.41 44.44 15.41
N PHE A 106 3.40 44.04 14.65
CA PHE A 106 2.26 43.34 15.24
C PHE A 106 2.27 41.94 14.66
N LEU A 107 2.33 40.95 15.54
CA LEU A 107 2.39 39.55 15.13
C LEU A 107 1.20 38.72 15.61
N GLU A 108 0.42 38.16 14.68
CA GLU A 108 -0.70 37.31 15.06
C GLU A 108 -0.33 35.90 14.66
N ILE A 109 0.06 35.10 15.66
CA ILE A 109 0.48 33.73 15.43
C ILE A 109 -0.62 32.73 15.07
N VAL A 110 -1.76 32.82 15.76
CA VAL A 110 -2.88 31.92 15.50
C VAL A 110 -4.10 32.76 15.08
N THR A 111 -4.18 33.06 13.80
CA THR A 111 -5.25 33.89 13.23
C THR A 111 -6.62 33.20 13.18
N ASN A 112 -6.61 31.87 13.16
CA ASN A 112 -7.83 31.06 13.10
C ASN A 112 -7.72 30.03 14.23
N PRO A 113 -7.95 30.46 15.48
CA PRO A 113 -7.86 29.54 16.63
C PRO A 113 -8.86 28.38 16.67
N ASN A 114 -10.07 28.59 16.17
CA ASN A 114 -11.07 27.52 16.19
C ASN A 114 -10.63 26.39 15.25
N GLY A 115 -10.18 26.76 14.06
CA GLY A 115 -9.73 25.77 13.10
C GLY A 115 -8.47 25.07 13.57
N PHE A 116 -7.60 25.81 14.25
CA PHE A 116 -6.35 25.23 14.75
C PHE A 116 -6.65 24.16 15.78
N ALA A 117 -7.52 24.46 16.72
CA ALA A 117 -7.88 23.49 17.75
C ALA A 117 -8.49 22.26 17.08
N PHE A 118 -9.26 22.49 16.02
CA PHE A 118 -9.92 21.41 15.30
C PHE A 118 -8.90 20.49 14.60
N THR A 119 -7.80 21.05 14.12
CA THR A 119 -6.78 20.23 13.45
C THR A 119 -6.10 19.30 14.45
N HIS A 120 -6.10 19.69 15.72
CA HIS A 120 -5.47 18.87 16.76
C HIS A 120 -6.39 17.79 17.34
N SER A 121 -7.69 18.04 17.32
CA SER A 121 -8.63 17.09 17.90
C SER A 121 -9.44 16.23 16.94
N GLU A 122 -9.71 16.70 15.73
CA GLU A 122 -10.50 15.88 14.81
C GLU A 122 -10.07 15.77 13.36
N ASN A 123 -9.72 16.88 12.72
CA ASN A 123 -9.32 16.84 11.32
C ASN A 123 -8.04 17.64 11.10
N ARG A 124 -6.93 16.93 10.95
CA ARG A 124 -5.62 17.55 10.74
C ARG A 124 -5.57 18.44 9.50
N LEU A 125 -6.39 18.15 8.51
CA LEU A 125 -6.39 18.92 7.28
C LEU A 125 -7.48 19.97 7.18
N TRP A 126 -8.07 20.37 8.31
CA TRP A 126 -9.11 21.39 8.27
C TRP A 126 -8.45 22.71 7.87
N ARG A 127 -9.10 23.47 7.00
CA ARG A 127 -8.56 24.73 6.48
C ARG A 127 -9.36 25.98 6.84
N LYS A 128 -10.67 25.82 6.96
CA LYS A 128 -11.58 26.94 7.23
C LYS A 128 -11.82 27.32 8.70
N THR A 129 -12.72 28.26 8.89
CA THR A 129 -13.11 28.69 10.23
C THR A 129 -14.07 27.63 10.75
N ARG A 130 -14.75 27.93 11.85
CA ARG A 130 -15.68 26.98 12.46
C ARG A 130 -17.12 27.51 12.57
N SER A 131 -17.46 28.57 11.85
CA SER A 131 -18.82 29.10 11.97
C SER A 131 -19.86 28.22 11.29
N VAL A 132 -21.06 28.19 11.86
CA VAL A 132 -22.14 27.39 11.31
C VAL A 132 -23.24 28.31 10.79
N THR A 133 -23.94 27.87 9.76
CA THR A 133 -25.03 28.66 9.20
C THR A 133 -26.21 27.78 8.80
N SER A 134 -27.36 28.11 9.37
CA SER A 134 -28.62 27.41 9.15
C SER A 134 -28.77 26.59 7.88
N SER A 135 -28.81 27.27 6.74
CA SER A 135 -28.99 26.61 5.44
C SER A 135 -27.86 25.71 4.97
N SER A 136 -27.37 24.82 5.85
CA SER A 136 -26.29 23.90 5.49
C SER A 136 -25.77 23.12 6.67
N LEU A 137 -25.41 21.86 6.44
CA LEU A 137 -24.86 21.01 7.49
C LEU A 137 -23.35 21.09 7.45
N CYS A 138 -22.82 21.87 6.52
CA CYS A 138 -21.38 22.04 6.41
C CYS A 138 -20.95 23.23 7.26
N VAL A 139 -19.72 23.19 7.75
CA VAL A 139 -19.19 24.23 8.62
C VAL A 139 -17.97 24.96 8.08
N GLY A 140 -17.84 26.23 8.49
CA GLY A 140 -16.68 27.01 8.12
C GLY A 140 -16.64 27.75 6.81
N VAL A 141 -15.82 28.80 6.81
CA VAL A 141 -15.61 29.66 5.66
C VAL A 141 -14.10 29.79 5.46
N ASP A 142 -13.67 29.91 4.20
CA ASP A 142 -12.26 30.09 3.91
C ASP A 142 -11.98 31.54 4.27
N ALA A 143 -11.30 31.76 5.39
CA ALA A 143 -10.99 33.11 5.84
C ALA A 143 -10.20 33.91 4.80
N ASN A 144 -9.48 33.25 3.90
CA ASN A 144 -8.73 34.02 2.90
C ASN A 144 -9.44 34.17 1.55
N ARG A 145 -10.78 34.15 1.61
CA ARG A 145 -11.63 34.35 0.44
C ARG A 145 -12.77 35.24 0.94
N ASN A 146 -12.67 35.63 2.21
CA ASN A 146 -13.70 36.41 2.89
C ASN A 146 -13.46 37.93 2.99
N TRP A 147 -12.33 38.43 2.48
CA TRP A 147 -12.03 39.85 2.57
C TRP A 147 -12.73 40.68 1.49
N ASP A 148 -12.90 41.97 1.76
CA ASP A 148 -13.59 42.87 0.84
C ASP A 148 -12.68 43.34 -0.30
N ALA A 149 -12.37 42.41 -1.20
CA ALA A 149 -11.53 42.71 -2.35
C ALA A 149 -11.96 41.75 -3.44
N GLY A 150 -12.84 42.22 -4.32
CA GLY A 150 -13.33 41.37 -5.39
C GLY A 150 -14.12 40.21 -4.81
N PHE A 151 -14.70 40.42 -3.64
CA PHE A 151 -15.48 39.38 -2.96
C PHE A 151 -16.52 38.73 -3.85
N GLY A 152 -16.65 37.41 -3.74
CA GLY A 152 -17.64 36.68 -4.50
C GLY A 152 -17.33 36.44 -5.97
N LYS A 153 -16.24 37.01 -6.46
CA LYS A 153 -15.88 36.84 -7.86
C LYS A 153 -15.08 35.56 -8.09
N ALA A 154 -14.78 35.27 -9.35
CA ALA A 154 -14.02 34.08 -9.72
C ALA A 154 -12.80 33.90 -8.82
N GLY A 155 -12.61 32.68 -8.34
CA GLY A 155 -11.48 32.42 -7.47
C GLY A 155 -11.89 32.00 -6.08
N ALA A 156 -13.19 31.82 -5.88
CA ALA A 156 -13.73 31.40 -4.60
C ALA A 156 -14.98 30.58 -4.87
N SER A 157 -15.31 29.66 -3.97
CA SER A 157 -16.49 28.81 -4.15
C SER A 157 -17.72 29.35 -3.45
N SER A 158 -18.89 29.08 -4.05
CA SER A 158 -20.14 29.55 -3.47
C SER A 158 -20.87 28.43 -2.72
N SER A 159 -20.29 27.23 -2.70
CA SER A 159 -20.93 26.13 -1.98
C SER A 159 -20.31 26.07 -0.58
N PRO A 160 -21.16 26.11 0.45
CA PRO A 160 -20.75 26.08 1.86
C PRO A 160 -19.85 24.91 2.24
N CYS A 161 -19.97 23.79 1.53
CA CYS A 161 -19.17 22.61 1.83
C CYS A 161 -17.79 22.65 1.21
N SER A 162 -17.55 23.63 0.35
CA SER A 162 -16.26 23.77 -0.32
C SER A 162 -15.16 24.30 0.58
N GLU A 163 -13.93 23.88 0.29
CA GLU A 163 -12.74 24.28 1.02
C GLU A 163 -12.41 25.74 0.72
N THR A 164 -13.01 26.28 -0.33
CA THR A 164 -12.78 27.66 -0.73
C THR A 164 -14.04 28.53 -0.65
N TYR A 165 -15.01 28.09 0.14
CA TYR A 165 -16.26 28.84 0.33
C TYR A 165 -15.95 30.25 0.85
N HIS A 166 -16.47 31.27 0.17
CA HIS A 166 -16.21 32.65 0.57
C HIS A 166 -17.10 33.23 1.67
N GLY A 167 -18.17 32.53 2.03
CA GLY A 167 -19.06 33.04 3.07
C GLY A 167 -20.22 33.81 2.49
N LYS A 168 -21.16 34.21 3.34
CA LYS A 168 -22.34 34.96 2.88
C LYS A 168 -22.05 36.35 2.35
N TYR A 169 -21.11 37.04 2.99
CA TYR A 169 -20.73 38.38 2.57
C TYR A 169 -19.35 38.71 3.09
N ALA A 170 -18.72 39.74 2.50
CA ALA A 170 -17.38 40.15 2.91
C ALA A 170 -17.30 40.50 4.40
N ASN A 171 -16.26 39.97 5.06
CA ASN A 171 -16.01 40.21 6.48
C ASN A 171 -17.03 39.54 7.41
N SER A 172 -17.68 38.49 6.94
CA SER A 172 -18.66 37.80 7.78
C SER A 172 -17.97 37.06 8.93
N GLU A 173 -16.74 36.62 8.73
CA GLU A 173 -16.02 35.90 9.78
C GLU A 173 -15.41 36.88 10.77
N VAL A 174 -15.69 36.66 12.05
CA VAL A 174 -15.18 37.52 13.10
C VAL A 174 -13.66 37.53 13.12
N GLU A 175 -13.05 36.42 12.70
CA GLU A 175 -11.60 36.35 12.66
C GLU A 175 -11.03 37.34 11.65
N VAL A 176 -11.76 37.55 10.56
CA VAL A 176 -11.32 38.48 9.53
C VAL A 176 -11.65 39.92 9.94
N LYS A 177 -12.89 40.12 10.39
CA LYS A 177 -13.31 41.46 10.79
C LYS A 177 -12.44 42.02 11.93
N SER A 178 -12.01 41.16 12.84
CA SER A 178 -11.19 41.59 13.96
C SER A 178 -9.92 42.26 13.47
N ILE A 179 -9.33 41.72 12.41
CA ILE A 179 -8.12 42.30 11.82
C ILE A 179 -8.47 43.58 11.07
N VAL A 180 -9.52 43.54 10.26
CA VAL A 180 -9.92 44.72 9.49
C VAL A 180 -10.14 45.94 10.40
N ASP A 181 -10.89 45.75 11.49
CA ASP A 181 -11.18 46.84 12.42
C ASP A 181 -9.92 47.40 13.08
N PHE A 182 -9.06 46.51 13.52
CA PHE A 182 -7.82 46.92 14.18
C PHE A 182 -6.90 47.68 13.23
N VAL A 183 -6.78 47.19 12.00
CA VAL A 183 -5.92 47.84 11.02
C VAL A 183 -6.50 49.21 10.66
N LYS A 184 -7.82 49.28 10.47
CA LYS A 184 -8.47 50.54 10.12
C LYS A 184 -8.34 51.57 11.24
N ASN A 185 -8.60 51.15 12.48
CA ASN A 185 -8.50 52.05 13.62
C ASN A 185 -7.08 52.61 13.77
N HIS A 186 -6.10 51.74 13.62
CA HIS A 186 -4.68 52.11 13.73
C HIS A 186 -4.33 53.17 12.68
N GLY A 187 -4.70 52.88 11.44
CA GLY A 187 -4.46 53.79 10.34
C GLY A 187 -3.03 54.11 9.95
N ASN A 188 -2.05 53.43 10.55
CA ASN A 188 -0.67 53.73 10.19
C ASN A 188 0.18 52.50 9.87
N PHE A 189 -0.43 51.49 9.27
CA PHE A 189 0.34 50.32 8.88
C PHE A 189 1.00 50.60 7.55
N LYS A 190 2.27 50.21 7.43
CA LYS A 190 3.03 50.43 6.21
C LYS A 190 3.30 49.13 5.47
N ALA A 191 3.21 48.02 6.18
CA ALA A 191 3.42 46.72 5.57
C ALA A 191 2.40 45.75 6.14
N PHE A 192 1.97 44.81 5.30
CA PHE A 192 0.96 43.81 5.67
C PHE A 192 1.40 42.47 5.08
N LEU A 193 1.88 41.58 5.93
CA LEU A 193 2.37 40.27 5.48
C LEU A 193 1.54 39.10 6.00
N SER A 194 1.02 38.30 5.08
CA SER A 194 0.22 37.13 5.47
C SER A 194 0.99 35.88 5.05
N ILE A 195 1.22 34.98 6.01
CA ILE A 195 1.99 33.77 5.77
C ILE A 195 1.15 32.49 5.69
N HIS A 196 1.42 31.71 4.64
CA HIS A 196 0.73 30.45 4.36
C HIS A 196 1.77 29.39 3.96
N SER A 197 1.26 28.21 3.60
CA SER A 197 2.06 27.11 3.09
C SER A 197 1.05 26.30 2.27
N TYR A 198 1.49 25.56 1.25
CA TYR A 198 2.89 25.43 0.83
C TYR A 198 2.97 25.80 -0.67
N SER A 199 4.20 25.86 -1.19
CA SER A 199 4.47 26.16 -2.61
C SER A 199 5.78 26.90 -2.84
N GLN A 200 6.27 27.57 -1.79
CA GLN A 200 7.52 28.33 -1.88
C GLN A 200 7.38 29.45 -2.90
N LEU A 201 6.51 30.40 -2.56
CA LEU A 201 6.23 31.55 -3.42
C LEU A 201 6.15 32.83 -2.59
N LEU A 202 6.48 33.95 -3.22
CA LEU A 202 6.38 35.26 -2.58
C LEU A 202 5.45 35.99 -3.54
N LEU A 203 4.25 36.32 -3.07
CA LEU A 203 3.26 36.96 -3.92
C LEU A 203 2.87 38.38 -3.52
N TYR A 204 2.46 39.16 -4.52
CA TYR A 204 1.97 40.53 -4.28
C TYR A 204 0.66 40.65 -5.07
N PRO A 205 -0.13 41.70 -4.82
CA PRO A 205 -1.41 41.92 -5.51
C PRO A 205 -1.31 42.03 -7.03
N TYR A 206 -2.38 41.69 -7.75
CA TYR A 206 -3.65 41.24 -7.19
C TYR A 206 -3.94 39.79 -7.54
N GLY A 207 -4.96 39.24 -6.90
CA GLY A 207 -5.41 37.90 -7.18
C GLY A 207 -6.80 37.93 -7.81
N TYR A 208 -7.60 38.94 -7.46
CA TYR A 208 -8.95 39.01 -8.00
C TYR A 208 -9.10 39.67 -9.37
N THR A 209 -8.06 40.37 -9.82
CA THR A 209 -8.13 41.03 -11.12
C THR A 209 -6.80 40.95 -11.84
N THR A 210 -6.83 41.00 -13.16
CA THR A 210 -5.60 40.94 -13.95
C THR A 210 -4.96 42.32 -14.04
N GLN A 211 -5.65 43.33 -13.51
CA GLN A 211 -5.14 44.70 -13.51
C GLN A 211 -3.83 44.75 -12.73
N SER A 212 -2.82 45.41 -13.30
CA SER A 212 -1.51 45.53 -12.62
C SER A 212 -1.56 46.66 -11.61
N ILE A 213 -1.00 46.43 -10.43
CA ILE A 213 -0.98 47.46 -9.40
C ILE A 213 -0.06 48.60 -9.85
N PRO A 214 -0.30 49.82 -9.34
CA PRO A 214 0.51 51.00 -9.68
C PRO A 214 1.97 50.86 -9.23
N ASP A 215 2.20 50.12 -8.16
CA ASP A 215 3.54 49.92 -7.62
C ASP A 215 4.17 48.60 -8.04
N LYS A 216 3.74 48.05 -9.17
CA LYS A 216 4.26 46.77 -9.64
C LYS A 216 5.79 46.74 -9.76
N THR A 217 6.37 47.76 -10.37
CA THR A 217 7.83 47.80 -10.53
C THR A 217 8.59 47.73 -9.21
N GLU A 218 8.15 48.49 -8.21
CA GLU A 218 8.83 48.48 -6.92
C GLU A 218 8.63 47.18 -6.16
N LEU A 219 7.39 46.72 -6.07
CA LEU A 219 7.11 45.48 -5.34
C LEU A 219 7.79 44.26 -5.97
N ASN A 220 7.86 44.23 -7.29
CA ASN A 220 8.50 43.11 -7.96
C ASN A 220 9.99 43.07 -7.60
N GLN A 221 10.62 44.23 -7.49
CA GLN A 221 12.04 44.29 -7.14
C GLN A 221 12.24 43.94 -5.67
N VAL A 222 11.30 44.35 -4.82
CA VAL A 222 11.41 44.03 -3.39
C VAL A 222 11.30 42.51 -3.23
N ALA A 223 10.37 41.90 -3.96
CA ALA A 223 10.17 40.46 -3.90
C ALA A 223 11.41 39.74 -4.42
N LYS A 224 11.99 40.28 -5.50
CA LYS A 224 13.19 39.68 -6.07
C LYS A 224 14.31 39.65 -5.03
N SER A 225 14.48 40.75 -4.31
CA SER A 225 15.52 40.85 -3.28
C SER A 225 15.26 39.92 -2.09
N ALA A 226 14.00 39.85 -1.66
CA ALA A 226 13.63 39.01 -0.53
C ALA A 226 13.88 37.53 -0.84
N VAL A 227 13.55 37.14 -2.07
CA VAL A 227 13.73 35.76 -2.50
C VAL A 227 15.21 35.38 -2.55
N ALA A 228 16.04 36.31 -2.99
CA ALA A 228 17.49 36.07 -3.06
C ALA A 228 18.05 35.93 -1.65
N ALA A 229 17.56 36.75 -0.73
CA ALA A 229 18.02 36.70 0.66
C ALA A 229 17.63 35.36 1.29
N LEU A 230 16.39 34.95 1.09
CA LEU A 230 15.89 33.70 1.65
C LEU A 230 16.66 32.49 1.13
N LYS A 231 16.96 32.50 -0.16
CA LYS A 231 17.70 31.42 -0.80
C LYS A 231 19.14 31.28 -0.32
N SER A 232 19.74 32.40 0.09
CA SER A 232 21.14 32.41 0.53
C SER A 232 21.49 31.51 1.71
N LEU A 233 20.49 31.11 2.48
CA LEU A 233 20.75 30.28 3.65
C LEU A 233 20.94 28.80 3.36
N TYR A 234 19.92 28.18 2.78
CA TYR A 234 19.96 26.75 2.47
C TYR A 234 19.73 26.44 1.00
N GLY A 235 19.61 27.48 0.19
CA GLY A 235 19.39 27.28 -1.24
C GLY A 235 17.95 26.99 -1.63
N THR A 236 17.00 27.25 -0.73
CA THR A 236 15.58 27.02 -1.02
C THR A 236 15.11 27.97 -2.12
N SER A 237 14.55 27.42 -3.19
CA SER A 237 14.09 28.22 -4.32
C SER A 237 12.64 28.65 -4.26
N TYR A 238 12.44 29.96 -4.38
CA TYR A 238 11.11 30.56 -4.36
C TYR A 238 10.81 31.25 -5.68
N LYS A 239 9.55 31.27 -6.08
CA LYS A 239 9.14 31.98 -7.29
C LYS A 239 8.41 33.20 -6.74
N TYR A 240 8.25 34.24 -7.55
CA TYR A 240 7.56 35.45 -7.09
C TYR A 240 6.83 36.15 -8.23
N GLY A 241 5.84 36.94 -7.88
CA GLY A 241 5.05 37.66 -8.86
C GLY A 241 3.67 37.92 -8.29
N SER A 242 2.75 38.45 -9.10
CA SER A 242 1.39 38.72 -8.64
C SER A 242 0.66 37.40 -8.43
N ILE A 243 -0.33 37.40 -7.55
CA ILE A 243 -1.11 36.21 -7.26
C ILE A 243 -1.72 35.57 -8.51
N ILE A 244 -2.48 36.35 -9.26
CA ILE A 244 -3.17 35.84 -10.44
C ILE A 244 -2.26 35.31 -11.54
N THR A 245 -1.05 35.87 -11.67
CA THR A 245 -0.09 35.43 -12.68
C THR A 245 0.78 34.26 -12.22
N THR A 246 0.89 34.09 -10.91
CA THR A 246 1.72 33.03 -10.34
C THR A 246 0.96 31.75 -10.02
N ILE A 247 -0.21 31.87 -9.39
CA ILE A 247 -0.98 30.68 -9.08
C ILE A 247 -2.28 30.61 -9.87
N TYR A 248 -3.22 31.50 -9.55
CA TYR A 248 -4.50 31.51 -10.25
C TYR A 248 -5.37 32.65 -9.73
N GLN A 249 -6.49 32.88 -10.40
CA GLN A 249 -7.41 33.91 -9.99
C GLN A 249 -8.00 33.51 -8.64
N ALA A 250 -7.90 34.41 -7.67
CA ALA A 250 -8.41 34.14 -6.33
C ALA A 250 -8.99 35.45 -5.80
N SER A 251 -10.26 35.43 -5.40
CA SER A 251 -10.92 36.63 -4.90
C SER A 251 -11.10 36.64 -3.39
N GLY A 252 -11.15 37.84 -2.82
CA GLY A 252 -11.35 37.98 -1.39
C GLY A 252 -10.14 37.70 -0.51
N GLY A 253 -8.94 37.84 -1.07
CA GLY A 253 -7.71 37.60 -0.32
C GLY A 253 -7.27 38.80 0.52
N SER A 254 -6.61 38.53 1.64
CA SER A 254 -6.19 39.58 2.55
C SER A 254 -5.29 40.67 1.97
N ILE A 255 -4.27 40.24 1.26
CA ILE A 255 -3.29 41.14 0.64
C ILE A 255 -3.91 42.13 -0.36
N ASP A 256 -4.92 41.68 -1.09
CA ASP A 256 -5.59 42.56 -2.05
C ASP A 256 -6.35 43.63 -1.28
N TRP A 257 -6.99 43.23 -0.19
CA TRP A 257 -7.71 44.16 0.65
C TRP A 257 -6.76 45.21 1.26
N SER A 258 -5.68 44.75 1.89
CA SER A 258 -4.73 45.68 2.51
C SER A 258 -4.10 46.64 1.53
N TYR A 259 -3.76 46.16 0.33
CA TYR A 259 -3.16 47.03 -0.66
C TYR A 259 -4.17 48.11 -1.04
N ASN A 260 -5.43 47.72 -1.22
CA ASN A 260 -6.46 48.69 -1.59
C ASN A 260 -6.74 49.69 -0.48
N GLN A 261 -6.24 49.40 0.72
CA GLN A 261 -6.41 50.30 1.85
C GLN A 261 -5.23 51.28 1.91
N GLY A 262 -4.32 51.16 0.95
CA GLY A 262 -3.18 52.07 0.91
C GLY A 262 -1.91 51.52 1.55
N ILE A 263 -1.94 50.25 1.95
CA ILE A 263 -0.76 49.63 2.56
C ILE A 263 0.00 49.04 1.38
N LYS A 264 1.00 49.79 0.93
CA LYS A 264 1.80 49.44 -0.23
C LYS A 264 2.56 48.11 -0.20
N TYR A 265 3.29 47.86 0.88
CA TYR A 265 4.05 46.63 0.98
C TYR A 265 3.22 45.47 1.51
N SER A 266 2.37 44.95 0.64
CA SER A 266 1.49 43.83 0.97
C SER A 266 1.98 42.58 0.24
N PHE A 267 2.42 41.58 1.00
CA PHE A 267 2.94 40.35 0.43
C PHE A 267 2.43 39.11 1.16
N THR A 268 2.29 38.01 0.43
CA THR A 268 1.90 36.74 1.02
C THR A 268 3.05 35.77 0.77
N PHE A 269 3.48 35.08 1.82
CA PHE A 269 4.55 34.10 1.73
C PHE A 269 3.90 32.71 1.73
N GLU A 270 4.37 31.83 0.86
CA GLU A 270 3.90 30.44 0.83
C GLU A 270 5.17 29.66 1.16
N LEU A 271 5.24 29.12 2.36
CA LEU A 271 6.43 28.40 2.80
C LEU A 271 6.62 27.00 2.22
N ARG A 272 7.60 26.28 2.76
CA ARG A 272 7.89 24.92 2.29
C ARG A 272 6.75 23.97 2.64
N ASP A 273 6.63 22.90 1.85
CA ASP A 273 7.51 22.67 0.73
C ASP A 273 6.63 22.80 -0.50
N THR A 274 7.57 21.62 -2.05
CA THR A 274 6.69 21.99 -3.14
C THR A 274 5.67 20.88 -3.36
N GLY A 275 5.43 20.09 -2.31
CA GLY A 275 4.47 19.02 -2.45
C GLY A 275 4.86 17.65 -1.90
N ARG A 276 6.14 17.41 -1.65
CA ARG A 276 6.53 16.10 -1.13
C ARG A 276 5.76 15.82 0.16
N TYR A 277 5.79 16.76 1.09
CA TYR A 277 5.09 16.62 2.37
C TYR A 277 3.83 17.47 2.42
N GLY A 278 3.83 18.56 1.68
CA GLY A 278 2.66 19.43 1.67
C GLY A 278 2.43 20.02 3.04
N PHE A 279 1.21 19.89 3.55
CA PHE A 279 0.88 20.45 4.85
C PHE A 279 1.50 19.68 6.01
N LEU A 280 1.84 18.42 5.78
CA LEU A 280 2.45 17.60 6.82
C LEU A 280 3.97 17.68 6.82
N LEU A 281 4.50 18.89 6.84
CA LEU A 281 5.96 19.10 6.85
C LEU A 281 6.56 18.57 8.15
N PRO A 282 7.64 17.78 8.06
CA PRO A 282 8.31 17.20 9.25
C PRO A 282 8.81 18.30 10.21
N ALA A 283 8.68 18.02 11.51
CA ALA A 283 9.12 18.96 12.54
C ALA A 283 10.59 19.33 12.39
N SER A 284 11.38 18.42 11.82
CA SER A 284 12.81 18.66 11.62
C SER A 284 13.07 19.82 10.67
N GLN A 285 12.04 20.27 9.95
CA GLN A 285 12.22 21.38 9.02
C GLN A 285 11.71 22.71 9.56
N ILE A 286 11.16 22.70 10.77
CA ILE A 286 10.63 23.91 11.37
C ILE A 286 11.68 25.02 11.51
N ILE A 287 12.78 24.73 12.20
CA ILE A 287 13.81 25.75 12.39
C ILE A 287 14.42 26.26 11.08
N PRO A 288 14.83 25.34 10.17
CA PRO A 288 15.41 25.80 8.90
C PRO A 288 14.43 26.68 8.09
N THR A 289 13.16 26.30 8.09
CA THR A 289 12.14 27.07 7.37
C THR A 289 12.02 28.45 8.00
N ALA A 290 11.96 28.49 9.33
CA ALA A 290 11.85 29.76 10.05
C ALA A 290 13.06 30.64 9.83
N GLN A 291 14.25 30.06 9.89
CA GLN A 291 15.48 30.81 9.71
C GLN A 291 15.58 31.51 8.34
N GLU A 292 15.30 30.79 7.27
CA GLU A 292 15.39 31.38 5.94
C GLU A 292 14.25 32.36 5.67
N THR A 293 13.07 32.07 6.20
CA THR A 293 11.90 32.95 6.00
C THR A 293 12.17 34.30 6.66
N TRP A 294 12.87 34.28 7.80
CA TRP A 294 13.19 35.50 8.51
C TRP A 294 14.05 36.42 7.64
N LEU A 295 14.97 35.84 6.86
CA LEU A 295 15.82 36.65 6.00
C LEU A 295 14.99 37.37 4.95
N GLY A 296 13.97 36.68 4.41
CA GLY A 296 13.11 37.29 3.42
C GLY A 296 12.24 38.37 4.05
N VAL A 297 11.73 38.10 5.25
CA VAL A 297 10.88 39.06 5.93
C VAL A 297 11.68 40.29 6.33
N LEU A 298 12.88 40.08 6.86
CA LEU A 298 13.72 41.20 7.27
C LEU A 298 14.00 42.13 6.08
N THR A 299 14.21 41.54 4.91
CA THR A 299 14.48 42.31 3.70
C THR A 299 13.33 43.28 3.39
N ILE A 300 12.11 42.79 3.50
CA ILE A 300 10.94 43.61 3.22
C ILE A 300 10.83 44.72 4.28
N MET A 301 11.04 44.36 5.54
CA MET A 301 10.99 45.35 6.61
C MET A 301 12.01 46.47 6.38
N GLU A 302 13.24 46.11 6.02
CA GLU A 302 14.28 47.09 5.78
C GLU A 302 13.87 48.09 4.72
N HIS A 303 13.24 47.59 3.66
CA HIS A 303 12.78 48.44 2.58
C HIS A 303 11.71 49.41 3.07
N THR A 304 10.82 48.90 3.91
CA THR A 304 9.72 49.70 4.45
C THR A 304 10.21 50.87 5.29
N VAL A 305 11.23 50.64 6.11
CA VAL A 305 11.78 51.67 6.99
C VAL A 305 12.35 52.83 6.18
N ASN A 306 13.12 52.48 5.16
CA ASN A 306 13.77 53.48 4.30
C ASN A 306 12.86 53.99 3.18
N ASN A 307 11.57 53.69 3.28
CA ASN A 307 10.60 54.12 2.29
C ASN A 307 9.24 54.42 2.91
N ALA B 1 18.03 -16.56 38.88
CA ALA B 1 17.07 -17.22 39.81
C ALA B 1 16.71 -16.28 40.96
N ARG B 2 17.64 -15.43 41.36
CA ARG B 2 17.42 -14.47 42.44
C ARG B 2 18.28 -13.23 42.22
N SER B 3 18.77 -13.10 40.99
CA SER B 3 19.61 -11.99 40.57
C SER B 3 19.70 -12.11 39.05
N THR B 4 19.65 -10.99 38.34
CA THR B 4 19.73 -11.05 36.90
C THR B 4 21.09 -11.60 36.46
N ASN B 5 22.02 -11.68 37.40
CA ASN B 5 23.35 -12.21 37.11
C ASN B 5 23.43 -13.71 37.31
N THR B 6 22.38 -14.30 37.89
CA THR B 6 22.34 -15.74 38.12
C THR B 6 21.31 -16.37 37.17
N PHE B 7 20.59 -15.53 36.45
CA PHE B 7 19.58 -15.98 35.50
C PHE B 7 20.25 -16.68 34.32
N ASN B 8 19.69 -17.80 33.88
CA ASN B 8 20.24 -18.55 32.75
C ASN B 8 19.66 -18.04 31.43
N TYR B 9 20.42 -17.20 30.74
CA TYR B 9 19.99 -16.63 29.47
C TYR B 9 20.09 -17.61 28.29
N ALA B 10 20.78 -18.73 28.51
CA ALA B 10 20.97 -19.72 27.46
C ALA B 10 19.98 -20.88 27.49
N THR B 11 18.79 -20.61 28.03
CA THR B 11 17.75 -21.64 28.08
C THR B 11 16.39 -20.95 27.96
N TYR B 12 15.37 -21.72 27.58
CA TYR B 12 14.03 -21.18 27.43
C TYR B 12 13.31 -21.19 28.77
N HIS B 13 12.58 -20.11 29.06
CA HIS B 13 11.86 -19.96 30.31
C HIS B 13 10.34 -19.92 30.22
N THR B 14 9.69 -20.08 31.37
CA THR B 14 8.23 -20.06 31.47
C THR B 14 7.81 -18.61 31.66
N LEU B 15 6.50 -18.36 31.62
CA LEU B 15 5.97 -17.01 31.79
C LEU B 15 6.33 -16.47 33.18
N ASP B 16 6.14 -17.29 34.21
CA ASP B 16 6.46 -16.85 35.57
C ASP B 16 7.92 -16.42 35.73
N GLU B 17 8.83 -17.20 35.16
CA GLU B 17 10.26 -16.90 35.26
C GLU B 17 10.62 -15.58 34.59
N ILE B 18 9.99 -15.29 33.46
CA ILE B 18 10.26 -14.04 32.75
C ILE B 18 9.67 -12.86 33.52
N TYR B 19 8.46 -13.02 34.04
CA TYR B 19 7.84 -11.94 34.80
C TYR B 19 8.64 -11.69 36.08
N ASP B 20 9.18 -12.75 36.66
CA ASP B 20 9.98 -12.61 37.87
C ASP B 20 11.27 -11.86 37.52
N PHE B 21 11.84 -12.20 36.38
CA PHE B 21 13.05 -11.56 35.88
C PHE B 21 12.84 -10.04 35.78
N MET B 22 11.70 -9.64 35.21
CA MET B 22 11.39 -8.22 35.08
C MET B 22 11.47 -7.50 36.43
N ASP B 23 10.97 -8.14 37.48
CA ASP B 23 11.02 -7.51 38.81
C ASP B 23 12.44 -7.41 39.34
N LEU B 24 13.25 -8.43 39.13
CA LEU B 24 14.63 -8.41 39.59
C LEU B 24 15.39 -7.28 38.89
N LEU B 25 15.21 -7.17 37.57
CA LEU B 25 15.90 -6.12 36.81
C LEU B 25 15.55 -4.74 37.33
N VAL B 26 14.26 -4.49 37.54
CA VAL B 26 13.79 -3.21 38.05
C VAL B 26 14.37 -2.87 39.42
N ALA B 27 14.44 -3.86 40.30
CA ALA B 27 14.98 -3.67 41.64
C ALA B 27 16.48 -3.39 41.60
N GLN B 28 17.17 -3.94 40.61
CA GLN B 28 18.61 -3.74 40.49
C GLN B 28 19.00 -2.45 39.78
N HIS B 29 18.13 -1.95 38.91
CA HIS B 29 18.41 -0.74 38.14
C HIS B 29 17.24 0.26 38.19
N PRO B 30 16.84 0.66 39.40
CA PRO B 30 15.74 1.60 39.66
C PRO B 30 15.79 2.92 38.89
N GLU B 31 17.00 3.47 38.74
CA GLU B 31 17.16 4.75 38.07
C GLU B 31 17.05 4.67 36.55
N LEU B 32 17.00 3.47 36.00
CA LEU B 32 16.96 3.31 34.56
C LEU B 32 15.74 2.60 33.98
N VAL B 33 15.24 1.61 34.71
CA VAL B 33 14.11 0.85 34.21
C VAL B 33 12.94 0.76 35.17
N SER B 34 11.73 0.79 34.61
CA SER B 34 10.51 0.69 35.39
C SER B 34 9.58 -0.28 34.67
N LYS B 35 8.65 -0.90 35.40
CA LYS B 35 7.73 -1.84 34.79
C LYS B 35 6.32 -1.25 34.73
N LEU B 36 5.78 -1.18 33.51
CA LEU B 36 4.46 -0.63 33.29
C LEU B 36 3.45 -1.70 32.85
N GLN B 37 2.25 -1.64 33.39
CA GLN B 37 1.21 -2.58 32.97
C GLN B 37 0.35 -1.76 32.02
N ILE B 38 0.26 -2.19 30.78
CA ILE B 38 -0.53 -1.46 29.78
C ILE B 38 -1.89 -2.10 29.51
N GLY B 39 -2.18 -3.18 30.22
CA GLY B 39 -3.46 -3.85 30.05
C GLY B 39 -3.43 -5.25 30.61
N ARG B 40 -4.46 -6.04 30.29
CA ARG B 40 -4.55 -7.42 30.72
C ARG B 40 -4.97 -8.26 29.51
N SER B 41 -4.48 -9.48 29.45
CA SER B 41 -4.79 -10.37 28.35
C SER B 41 -6.23 -10.90 28.46
N TYR B 42 -6.67 -11.61 27.43
CA TYR B 42 -8.02 -12.15 27.44
C TYR B 42 -8.27 -12.97 28.70
N GLU B 43 -7.28 -13.75 29.12
CA GLU B 43 -7.43 -14.59 30.30
C GLU B 43 -7.00 -13.90 31.60
N GLY B 44 -6.97 -12.57 31.55
CA GLY B 44 -6.64 -11.79 32.74
C GLY B 44 -5.19 -11.62 33.17
N ARG B 45 -4.24 -12.12 32.39
CA ARG B 45 -2.84 -11.96 32.78
C ARG B 45 -2.36 -10.54 32.50
N PRO B 46 -1.55 -9.98 33.39
CA PRO B 46 -1.07 -8.62 33.16
C PRO B 46 -0.15 -8.58 31.95
N ILE B 47 -0.21 -7.48 31.21
CA ILE B 47 0.65 -7.27 30.04
C ILE B 47 1.65 -6.21 30.48
N TYR B 48 2.93 -6.58 30.55
CA TYR B 48 3.96 -5.64 30.99
C TYR B 48 4.90 -5.13 29.91
N VAL B 49 5.32 -3.89 30.10
CA VAL B 49 6.26 -3.24 29.19
C VAL B 49 7.38 -2.67 30.06
N LEU B 50 8.63 -2.86 29.65
CA LEU B 50 9.75 -2.32 30.40
C LEU B 50 10.12 -0.99 29.76
N LYS B 51 10.24 0.04 30.60
CA LYS B 51 10.59 1.36 30.10
C LYS B 51 12.00 1.72 30.55
N PHE B 52 12.88 1.94 29.59
CA PHE B 52 14.26 2.32 29.87
C PHE B 52 14.32 3.81 29.57
N SER B 53 14.70 4.59 30.58
CA SER B 53 14.78 6.03 30.40
C SER B 53 15.81 6.64 31.35
N THR B 54 16.42 7.73 30.93
CA THR B 54 17.41 8.40 31.74
C THR B 54 16.86 9.75 32.19
N GLY B 55 15.55 9.92 32.03
CA GLY B 55 14.91 11.16 32.44
C GLY B 55 14.13 11.84 31.32
N GLY B 56 13.97 13.16 31.45
CA GLY B 56 13.27 13.92 30.44
C GLY B 56 11.76 13.96 30.65
N SER B 57 11.07 14.68 29.77
CA SER B 57 9.62 14.80 29.85
C SER B 57 8.97 13.78 28.91
N ASN B 58 8.70 14.20 27.68
CA ASN B 58 8.09 13.33 26.68
C ASN B 58 9.10 13.08 25.57
N ARG B 59 10.25 12.51 25.92
CA ARG B 59 11.28 12.24 24.92
C ARG B 59 10.76 11.31 23.83
N PRO B 60 11.33 11.43 22.61
CA PRO B 60 10.91 10.57 21.50
C PRO B 60 11.23 9.15 21.95
N ALA B 61 10.44 8.18 21.52
CA ALA B 61 10.69 6.83 21.96
C ALA B 61 10.81 5.79 20.88
N ILE B 62 11.32 4.62 21.28
CA ILE B 62 11.48 3.49 20.40
C ILE B 62 10.67 2.36 21.00
N TRP B 63 9.82 1.74 20.18
CA TRP B 63 9.01 0.63 20.65
C TRP B 63 9.56 -0.68 20.10
N ILE B 64 9.62 -1.69 20.96
CA ILE B 64 10.09 -3.00 20.54
C ILE B 64 9.21 -4.05 21.19
N ASP B 65 8.55 -4.88 20.39
CA ASP B 65 7.73 -5.95 20.96
C ASP B 65 8.21 -7.29 20.42
N LEU B 66 8.05 -8.32 21.24
CA LEU B 66 8.46 -9.66 20.88
C LEU B 66 7.39 -10.65 21.34
N GLY B 67 7.36 -11.81 20.71
CA GLY B 67 6.41 -12.84 21.08
C GLY B 67 4.94 -12.58 20.82
N ILE B 68 4.60 -11.79 19.80
CA ILE B 68 3.19 -11.57 19.52
C ILE B 68 2.62 -12.93 19.08
N HIS B 69 3.50 -13.76 18.52
CA HIS B 69 3.13 -15.12 18.10
C HIS B 69 3.84 -16.02 19.12
N SER B 70 3.07 -16.60 20.02
CA SER B 70 3.58 -17.42 21.11
C SER B 70 4.64 -18.50 20.83
N ARG B 71 4.48 -19.24 19.73
CA ARG B 71 5.42 -20.33 19.41
C ARG B 71 6.82 -19.92 18.96
N GLU B 72 7.02 -18.65 18.69
CA GLU B 72 8.32 -18.16 18.26
C GLU B 72 9.16 -17.84 19.50
N TRP B 73 9.48 -18.90 20.25
CA TRP B 73 10.24 -18.80 21.48
C TRP B 73 11.56 -18.04 21.44
N ILE B 74 12.25 -18.05 20.31
CA ILE B 74 13.53 -17.36 20.22
C ILE B 74 13.36 -15.86 20.45
N THR B 75 12.16 -15.33 20.20
CA THR B 75 11.91 -13.89 20.38
C THR B 75 11.84 -13.50 21.86
N GLN B 76 11.06 -14.23 22.65
CA GLN B 76 10.96 -13.89 24.06
C GLN B 76 12.34 -14.04 24.72
N ALA B 77 13.09 -15.07 24.31
CA ALA B 77 14.42 -15.34 24.85
C ALA B 77 15.36 -14.19 24.49
N THR B 78 15.22 -13.67 23.28
CA THR B 78 16.05 -12.56 22.82
C THR B 78 15.63 -11.30 23.57
N GLY B 79 14.32 -11.18 23.85
CA GLY B 79 13.81 -10.03 24.58
C GLY B 79 14.43 -9.93 25.96
N VAL B 80 14.46 -11.05 26.66
CA VAL B 80 15.05 -11.11 27.99
C VAL B 80 16.53 -10.69 27.93
N TRP B 81 17.25 -11.19 26.93
CA TRP B 81 18.65 -10.87 26.76
C TRP B 81 18.86 -9.38 26.50
N PHE B 82 18.00 -8.80 25.65
CA PHE B 82 18.05 -7.37 25.34
C PHE B 82 17.91 -6.53 26.61
N ALA B 83 16.91 -6.84 27.43
CA ALA B 83 16.67 -6.10 28.67
C ALA B 83 17.94 -6.06 29.52
N LYS B 84 18.60 -7.20 29.65
CA LYS B 84 19.82 -7.26 30.46
C LYS B 84 20.92 -6.43 29.79
N LYS B 85 21.09 -6.58 28.48
CA LYS B 85 22.15 -5.83 27.80
C LYS B 85 21.99 -4.31 27.91
N PHE B 86 20.76 -3.82 27.89
CA PHE B 86 20.54 -2.38 28.01
C PHE B 86 21.18 -1.85 29.29
N THR B 87 20.97 -2.57 30.38
CA THR B 87 21.52 -2.16 31.68
C THR B 87 23.01 -2.39 31.80
N GLU B 88 23.58 -3.21 30.92
CA GLU B 88 25.01 -3.45 30.96
C GLU B 88 25.77 -2.42 30.13
N ASN B 89 25.23 -2.12 28.94
CA ASN B 89 25.87 -1.19 28.02
C ASN B 89 25.67 0.29 28.26
N TYR B 90 24.61 0.69 28.98
CA TYR B 90 24.42 2.11 29.20
C TYR B 90 25.57 2.65 30.05
N GLY B 91 26.17 3.74 29.58
CA GLY B 91 27.29 4.34 30.30
C GLY B 91 28.60 3.73 29.86
N GLN B 92 28.54 2.55 29.27
CA GLN B 92 29.73 1.85 28.81
C GLN B 92 29.92 1.97 27.30
N ASN B 93 28.88 1.63 26.53
CA ASN B 93 28.95 1.72 25.07
C ASN B 93 28.55 3.13 24.66
N PRO B 94 29.45 3.86 23.98
CA PRO B 94 29.23 5.22 23.51
C PRO B 94 27.94 5.41 22.69
N SER B 95 27.74 4.53 21.70
CA SER B 95 26.57 4.60 20.85
C SER B 95 25.27 4.41 21.60
N PHE B 96 25.16 3.31 22.34
CA PHE B 96 23.93 3.05 23.08
C PHE B 96 23.68 4.12 24.13
N THR B 97 24.74 4.58 24.79
CA THR B 97 24.61 5.62 25.80
C THR B 97 23.99 6.88 25.17
N ALA B 98 24.46 7.24 23.99
CA ALA B 98 23.96 8.41 23.30
C ALA B 98 22.47 8.28 23.03
N ILE B 99 22.05 7.05 22.70
CA ILE B 99 20.66 6.77 22.40
C ILE B 99 19.74 6.95 23.62
N LEU B 100 20.12 6.38 24.75
CA LEU B 100 19.30 6.50 25.96
C LEU B 100 19.31 7.89 26.57
N ASP B 101 20.30 8.71 26.22
CA ASP B 101 20.37 10.07 26.76
C ASP B 101 19.45 10.99 25.98
N SER B 102 18.97 10.52 24.82
CA SER B 102 18.09 11.32 23.98
C SER B 102 16.70 10.72 23.81
N MET B 103 16.59 9.40 23.93
CA MET B 103 15.29 8.76 23.75
C MET B 103 15.02 7.66 24.76
N ASP B 104 13.74 7.30 24.91
CA ASP B 104 13.33 6.22 25.80
C ASP B 104 13.10 4.99 24.95
N ILE B 105 13.27 3.81 25.55
CA ILE B 105 13.02 2.55 24.85
C ILE B 105 11.97 1.76 25.61
N PHE B 106 10.92 1.33 24.91
CA PHE B 106 9.87 0.54 25.54
C PHE B 106 9.98 -0.86 24.97
N LEU B 107 10.07 -1.84 25.87
CA LEU B 107 10.25 -3.23 25.47
C LEU B 107 9.17 -4.15 26.03
N GLU B 108 8.40 -4.77 25.13
CA GLU B 108 7.36 -5.70 25.55
C GLU B 108 7.88 -7.09 25.18
N ILE B 109 8.34 -7.83 26.19
CA ILE B 109 8.92 -9.16 26.00
C ILE B 109 7.92 -10.28 25.66
N VAL B 110 6.78 -10.26 26.32
CA VAL B 110 5.73 -11.27 26.09
C VAL B 110 4.46 -10.51 25.70
N THR B 111 4.29 -10.30 24.41
CA THR B 111 3.15 -9.56 23.89
C THR B 111 1.84 -10.34 23.88
N ASN B 112 1.95 -11.67 23.88
CA ASN B 112 0.81 -12.58 23.86
C ASN B 112 1.02 -13.60 24.97
N PRO B 113 0.79 -13.20 26.24
CA PRO B 113 0.99 -14.12 27.36
C PRO B 113 0.09 -15.34 27.46
N ASN B 114 -1.17 -15.25 27.01
CA ASN B 114 -2.07 -16.42 27.09
C ASN B 114 -1.56 -17.49 26.13
N GLY B 115 -1.09 -17.04 24.97
CA GLY B 115 -0.57 -17.97 23.98
C GLY B 115 0.72 -18.61 24.48
N PHE B 116 1.56 -17.82 25.13
CA PHE B 116 2.83 -18.30 25.64
C PHE B 116 2.62 -19.37 26.71
N ALA B 117 1.66 -19.15 27.60
CA ALA B 117 1.38 -20.12 28.66
C ALA B 117 0.91 -21.42 28.03
N PHE B 118 0.13 -21.29 26.96
CA PHE B 118 -0.41 -22.44 26.26
C PHE B 118 0.67 -23.26 25.55
N THR B 119 1.70 -22.60 25.01
CA THR B 119 2.76 -23.34 24.34
C THR B 119 3.58 -24.19 25.31
N HIS B 120 3.54 -23.81 26.59
CA HIS B 120 4.27 -24.53 27.64
C HIS B 120 3.43 -25.66 28.24
N SER B 121 2.12 -25.51 28.26
CA SER B 121 1.26 -26.52 28.87
C SER B 121 0.59 -27.52 27.94
N GLU B 122 0.15 -27.07 26.77
CA GLU B 122 -0.54 -28.00 25.88
C GLU B 122 -0.18 -28.07 24.41
N ASN B 123 0.13 -26.93 23.79
CA ASN B 123 0.48 -26.95 22.37
C ASN B 123 1.69 -26.07 22.10
N ARG B 124 2.86 -26.70 21.99
CA ARG B 124 4.12 -26.01 21.74
C ARG B 124 4.09 -25.13 20.49
N LEU B 125 3.25 -25.49 19.52
CA LEU B 125 3.16 -24.73 18.28
C LEU B 125 2.00 -23.74 18.15
N TRP B 126 1.39 -23.36 19.27
CA TRP B 126 0.28 -22.42 19.22
C TRP B 126 0.81 -21.04 18.80
N ARG B 127 0.12 -20.41 17.85
CA ARG B 127 0.51 -19.11 17.32
C ARG B 127 -0.37 -17.94 17.74
N LYS B 128 -1.68 -18.19 17.82
CA LYS B 128 -2.68 -17.18 18.14
C LYS B 128 -2.91 -16.81 19.59
N THR B 129 -3.87 -15.91 19.80
CA THR B 129 -4.25 -15.50 21.15
C THR B 129 -5.14 -16.64 21.63
N ARG B 130 -5.82 -16.44 22.76
CA ARG B 130 -6.69 -17.49 23.29
C ARG B 130 -8.12 -17.01 23.57
N SER B 131 -8.58 -15.98 22.87
CA SER B 131 -9.93 -15.50 23.11
C SER B 131 -10.95 -16.42 22.43
N VAL B 132 -12.15 -16.46 23.01
CA VAL B 132 -13.23 -17.30 22.50
C VAL B 132 -14.35 -16.50 21.86
N THR B 133 -15.04 -17.14 20.92
CA THR B 133 -16.17 -16.51 20.23
C THR B 133 -17.26 -17.57 20.03
N SER B 134 -18.52 -17.11 20.04
CA SER B 134 -19.66 -18.00 19.87
C SER B 134 -19.82 -18.49 18.44
N SER B 135 -19.25 -17.76 17.49
CA SER B 135 -19.34 -18.13 16.09
C SER B 135 -18.63 -19.44 15.75
N SER B 136 -17.80 -19.92 16.68
CA SER B 136 -17.05 -21.15 16.44
C SER B 136 -16.55 -21.80 17.72
N LEU B 137 -16.08 -23.03 17.59
CA LEU B 137 -15.53 -23.78 18.71
C LEU B 137 -14.01 -23.70 18.62
N CYS B 138 -13.51 -22.97 17.62
CA CYS B 138 -12.08 -22.79 17.44
C CYS B 138 -11.68 -21.58 18.28
N VAL B 139 -10.46 -21.61 18.81
CA VAL B 139 -9.97 -20.55 19.68
C VAL B 139 -8.87 -19.67 19.09
N GLY B 140 -8.87 -18.41 19.50
CA GLY B 140 -7.83 -17.48 19.09
C GLY B 140 -7.89 -16.70 17.79
N VAL B 141 -7.07 -15.65 17.75
CA VAL B 141 -6.94 -14.77 16.62
C VAL B 141 -5.46 -14.54 16.37
N ASP B 142 -5.08 -14.37 15.10
CA ASP B 142 -3.69 -14.10 14.77
C ASP B 142 -3.51 -12.63 15.12
N ALA B 143 -2.83 -12.36 16.22
CA ALA B 143 -2.63 -10.98 16.67
C ALA B 143 -1.94 -10.11 15.62
N ASN B 144 -1.18 -10.71 14.70
CA ASN B 144 -0.54 -9.89 13.68
C ASN B 144 -1.30 -9.80 12.36
N ARG B 145 -2.62 -9.99 12.43
CA ARG B 145 -3.52 -9.86 11.28
C ARG B 145 -4.75 -9.11 11.80
N ASN B 146 -4.66 -8.63 13.04
CA ASN B 146 -5.74 -7.94 13.73
C ASN B 146 -5.62 -6.41 13.79
N TRP B 147 -4.52 -5.86 13.26
CA TRP B 147 -4.31 -4.42 13.29
C TRP B 147 -5.09 -3.69 12.19
N ASP B 148 -5.38 -2.41 12.43
CA ASP B 148 -6.14 -1.58 11.48
C ASP B 148 -5.27 -1.06 10.33
N ALA B 149 -4.91 -1.96 9.43
CA ALA B 149 -4.09 -1.65 8.26
C ALA B 149 -4.46 -2.68 7.19
N GLY B 150 -5.36 -2.31 6.30
CA GLY B 150 -5.81 -3.24 5.27
C GLY B 150 -6.51 -4.41 5.92
N PHE B 151 -7.09 -4.18 7.10
CA PHE B 151 -7.78 -5.24 7.81
C PHE B 151 -8.77 -6.02 6.96
N GLY B 152 -8.73 -7.34 7.11
CA GLY B 152 -9.65 -8.20 6.38
C GLY B 152 -9.37 -8.43 4.90
N LYS B 153 -8.32 -7.81 4.38
CA LYS B 153 -7.96 -7.97 2.97
C LYS B 153 -7.08 -9.22 2.78
N ALA B 154 -6.70 -9.49 1.54
CA ALA B 154 -5.87 -10.64 1.23
C ALA B 154 -4.65 -10.74 2.17
N GLY B 155 -4.31 -11.96 2.56
CA GLY B 155 -3.19 -12.15 3.45
C GLY B 155 -3.61 -12.52 4.85
N ALA B 156 -4.92 -12.71 5.03
CA ALA B 156 -5.49 -13.08 6.31
C ALA B 156 -6.70 -13.96 6.04
N SER B 157 -7.02 -14.86 6.96
CA SER B 157 -8.17 -15.74 6.80
C SER B 157 -9.39 -15.30 7.58
N SER B 158 -10.56 -15.50 6.99
CA SER B 158 -11.82 -15.14 7.65
C SER B 158 -12.36 -16.31 8.46
N SER B 159 -11.66 -17.44 8.41
CA SER B 159 -12.07 -18.63 9.15
C SER B 159 -11.47 -18.67 10.55
N PRO B 160 -12.31 -18.62 11.59
CA PRO B 160 -11.88 -18.64 12.99
C PRO B 160 -10.93 -19.79 13.33
N CYS B 161 -10.98 -20.87 12.55
CA CYS B 161 -10.12 -22.02 12.80
C CYS B 161 -8.75 -21.89 12.15
N SER B 162 -8.55 -20.86 11.35
CA SER B 162 -7.27 -20.67 10.68
C SER B 162 -6.20 -20.11 11.59
N GLU B 163 -4.96 -20.51 11.32
CA GLU B 163 -3.82 -20.05 12.09
C GLU B 163 -3.61 -18.56 11.82
N THR B 164 -4.23 -18.07 10.74
CA THR B 164 -4.10 -16.67 10.36
C THR B 164 -5.43 -15.91 10.40
N TYR B 165 -6.36 -16.38 11.21
CA TYR B 165 -7.67 -15.74 11.35
C TYR B 165 -7.47 -14.30 11.83
N HIS B 166 -8.06 -13.34 11.12
CA HIS B 166 -7.89 -11.93 11.48
C HIS B 166 -8.81 -11.41 12.59
N GLY B 167 -9.79 -12.22 12.98
CA GLY B 167 -10.69 -11.79 14.03
C GLY B 167 -11.93 -11.09 13.50
N LYS B 168 -12.88 -10.81 14.39
CA LYS B 168 -14.13 -10.16 14.02
C LYS B 168 -14.02 -8.75 13.47
N TYR B 169 -13.06 -7.99 13.99
CA TYR B 169 -12.85 -6.61 13.55
C TYR B 169 -11.48 -6.13 14.04
N ALA B 170 -10.95 -5.10 13.40
CA ALA B 170 -9.63 -4.57 13.78
C ALA B 170 -9.53 -4.19 15.25
N ASN B 171 -8.42 -4.56 15.87
CA ASN B 171 -8.19 -4.26 17.28
C ASN B 171 -9.15 -4.98 18.22
N SER B 172 -9.74 -6.09 17.78
CA SER B 172 -10.67 -6.83 18.64
C SER B 172 -9.92 -7.52 19.78
N GLU B 173 -8.64 -7.79 19.57
CA GLU B 173 -7.85 -8.46 20.61
C GLU B 173 -7.29 -7.45 21.59
N VAL B 174 -7.55 -7.67 22.87
CA VAL B 174 -7.08 -6.77 23.91
C VAL B 174 -5.56 -6.64 23.92
N GLU B 175 -4.85 -7.69 23.50
CA GLU B 175 -3.40 -7.64 23.47
C GLU B 175 -2.92 -6.63 22.43
N VAL B 176 -3.73 -6.45 21.39
CA VAL B 176 -3.41 -5.53 20.32
C VAL B 176 -3.88 -4.12 20.67
N LYS B 177 -5.11 -4.00 21.16
CA LYS B 177 -5.62 -2.69 21.51
C LYS B 177 -4.78 -2.02 22.58
N SER B 178 -4.26 -2.82 23.51
CA SER B 178 -3.43 -2.30 24.60
C SER B 178 -2.21 -1.54 24.07
N ILE B 179 -1.61 -2.06 23.01
CA ILE B 179 -0.45 -1.41 22.41
C ILE B 179 -0.91 -0.18 21.65
N VAL B 180 -1.98 -0.33 20.88
CA VAL B 180 -2.54 0.77 20.10
C VAL B 180 -2.83 1.98 21.00
N ASP B 181 -3.56 1.75 22.09
CA ASP B 181 -3.91 2.84 23.00
C ASP B 181 -2.66 3.47 23.62
N PHE B 182 -1.70 2.65 24.01
CA PHE B 182 -0.46 3.14 24.63
C PHE B 182 0.39 3.99 23.68
N VAL B 183 0.49 3.55 22.43
CA VAL B 183 1.28 4.29 21.46
C VAL B 183 0.59 5.59 21.06
N LYS B 184 -0.73 5.55 20.91
CA LYS B 184 -1.47 6.76 20.56
C LYS B 184 -1.39 7.80 21.69
N ASN B 185 -1.53 7.33 22.92
CA ASN B 185 -1.46 8.25 24.06
C ASN B 185 -0.09 8.93 24.13
N HIS B 186 0.97 8.14 23.96
CA HIS B 186 2.33 8.68 24.01
C HIS B 186 2.52 9.74 22.93
N GLY B 187 2.17 9.40 21.70
CA GLY B 187 2.28 10.33 20.59
C GLY B 187 3.67 10.74 20.14
N ASN B 188 4.71 10.20 20.74
CA ASN B 188 6.05 10.60 20.33
C ASN B 188 6.98 9.42 20.03
N PHE B 189 6.45 8.39 19.38
CA PHE B 189 7.26 7.24 19.00
C PHE B 189 7.89 7.50 17.64
N LYS B 190 9.20 7.25 17.56
CA LYS B 190 9.94 7.47 16.32
C LYS B 190 10.24 6.17 15.59
N ALA B 191 10.30 5.07 16.33
CA ALA B 191 10.58 3.76 15.73
C ALA B 191 9.65 2.71 16.35
N PHE B 192 9.30 1.71 15.56
CA PHE B 192 8.41 0.64 16.00
C PHE B 192 8.96 -0.66 15.41
N LEU B 193 9.47 -1.52 16.28
CA LEU B 193 10.06 -2.79 15.87
C LEU B 193 9.31 -3.99 16.41
N SER B 194 8.85 -4.87 15.53
CA SER B 194 8.15 -6.08 15.96
C SER B 194 9.00 -7.29 15.54
N ILE B 195 9.39 -8.10 16.52
CA ILE B 195 10.25 -9.24 16.26
C ILE B 195 9.53 -10.60 16.23
N HIS B 196 9.84 -11.40 15.21
CA HIS B 196 9.26 -12.73 15.03
C HIS B 196 10.39 -13.69 14.63
N SER B 197 9.99 -14.93 14.31
CA SER B 197 10.87 -15.97 13.80
C SER B 197 9.90 -16.84 12.99
N TYR B 198 10.38 -17.57 11.98
CA TYR B 198 11.78 -17.61 11.58
C TYR B 198 11.83 -17.30 10.07
N SER B 199 13.04 -17.10 9.53
CA SER B 199 13.28 -16.85 8.10
C SER B 199 14.50 -15.97 7.84
N GLN B 200 14.99 -15.29 8.87
CA GLN B 200 16.14 -14.41 8.73
C GLN B 200 15.86 -13.35 7.69
N LEU B 201 14.92 -12.46 8.01
CA LEU B 201 14.55 -11.36 7.13
C LEU B 201 14.38 -10.08 7.93
N LEU B 202 14.53 -8.95 7.25
CA LEU B 202 14.34 -7.64 7.85
C LEU B 202 13.32 -6.99 6.91
N LEU B 203 12.11 -6.75 7.40
CA LEU B 203 11.05 -6.19 6.56
C LEU B 203 10.54 -4.80 6.95
N TYR B 204 10.07 -4.07 5.95
CA TYR B 204 9.48 -2.76 6.15
C TYR B 204 8.15 -2.74 5.38
N PRO B 205 7.27 -1.75 5.63
CA PRO B 205 5.96 -1.68 4.95
C PRO B 205 6.06 -1.64 3.42
N TYR B 206 5.01 -2.07 2.71
CA TYR B 206 3.77 -2.59 3.31
C TYR B 206 3.56 -4.06 3.01
N GLY B 207 2.63 -4.63 3.77
CA GLY B 207 2.25 -6.02 3.59
C GLY B 207 0.87 -6.12 2.96
N TYR B 208 0.00 -5.14 3.21
CA TYR B 208 -1.37 -5.17 2.67
C TYR B 208 -1.59 -4.54 1.30
N THR B 209 -0.60 -3.81 0.78
CA THR B 209 -0.75 -3.15 -0.51
C THR B 209 0.57 -3.15 -1.28
N THR B 210 0.49 -3.15 -2.61
CA THR B 210 1.69 -3.15 -3.44
C THR B 210 2.31 -1.75 -3.49
N GLN B 211 1.59 -0.77 -2.95
CA GLN B 211 2.06 0.62 -2.91
C GLN B 211 3.39 0.75 -2.20
N SER B 212 4.35 1.44 -2.82
CA SER B 212 5.64 1.64 -2.20
C SER B 212 5.51 2.79 -1.21
N ILE B 213 6.05 2.62 -0.01
CA ILE B 213 5.96 3.69 0.98
C ILE B 213 6.77 4.88 0.48
N PRO B 214 6.36 6.10 0.86
CA PRO B 214 7.07 7.32 0.45
C PRO B 214 8.54 7.35 0.90
N ASP B 215 8.84 6.66 1.99
CA ASP B 215 10.20 6.63 2.53
C ASP B 215 10.98 5.37 2.17
N LYS B 216 10.59 4.71 1.09
CA LYS B 216 11.25 3.47 0.67
C LYS B 216 12.76 3.54 0.53
N THR B 217 13.27 4.59 -0.09
CA THR B 217 14.70 4.72 -0.28
C THR B 217 15.43 4.73 1.06
N GLU B 218 15.01 5.60 1.96
CA GLU B 218 15.62 5.70 3.27
C GLU B 218 15.55 4.39 4.06
N LEU B 219 14.35 3.83 4.18
CA LEU B 219 14.19 2.59 4.93
C LEU B 219 14.97 1.43 4.33
N ASN B 220 15.08 1.41 3.01
CA ASN B 220 15.81 0.35 2.34
C ASN B 220 17.30 0.47 2.69
N GLN B 221 17.78 1.70 2.76
CA GLN B 221 19.17 1.95 3.09
C GLN B 221 19.45 1.56 4.53
N VAL B 222 18.51 1.89 5.42
CA VAL B 222 18.67 1.56 6.83
C VAL B 222 18.69 0.04 7.01
N ALA B 223 17.84 -0.66 6.27
CA ALA B 223 17.78 -2.12 6.34
C ALA B 223 19.10 -2.72 5.83
N LYS B 224 19.62 -2.13 4.77
CA LYS B 224 20.86 -2.60 4.18
C LYS B 224 21.99 -2.54 5.20
N SER B 225 22.05 -1.44 5.93
CA SER B 225 23.09 -1.23 6.93
C SER B 225 22.92 -2.16 8.14
N ALA B 226 21.68 -2.35 8.55
CA ALA B 226 21.40 -3.21 9.71
C ALA B 226 21.78 -4.66 9.42
N VAL B 227 21.47 -5.11 8.20
CA VAL B 227 21.78 -6.46 7.77
C VAL B 227 23.28 -6.70 7.74
N ALA B 228 24.03 -5.71 7.24
CA ALA B 228 25.49 -5.83 7.17
C ALA B 228 26.06 -5.96 8.57
N ALA B 229 25.55 -5.13 9.49
CA ALA B 229 26.01 -5.15 10.86
C ALA B 229 25.74 -6.50 11.52
N LEU B 230 24.53 -7.03 11.32
CA LEU B 230 24.15 -8.32 11.92
C LEU B 230 25.04 -9.45 11.41
N LYS B 231 25.26 -9.47 10.10
CA LYS B 231 26.09 -10.50 9.46
C LYS B 231 27.53 -10.48 9.94
N SER B 232 28.02 -9.31 10.37
CA SER B 232 29.41 -9.16 10.80
C SER B 232 29.86 -10.05 11.94
N LEU B 233 28.92 -10.52 12.76
CA LEU B 233 29.28 -11.37 13.90
C LEU B 233 29.57 -12.83 13.58
N TYR B 234 28.57 -13.52 13.04
CA TYR B 234 28.69 -14.93 12.73
C TYR B 234 28.47 -15.27 11.26
N GLY B 235 28.32 -14.24 10.43
CA GLY B 235 28.11 -14.48 9.02
C GLY B 235 26.68 -14.86 8.66
N THR B 236 25.77 -14.66 9.60
CA THR B 236 24.37 -14.98 9.38
C THR B 236 23.83 -14.05 8.31
N SER B 237 23.19 -14.62 7.30
CA SER B 237 22.66 -13.82 6.20
C SER B 237 21.16 -13.58 6.25
N TYR B 238 20.79 -12.32 6.08
CA TYR B 238 19.40 -11.88 6.09
C TYR B 238 19.06 -11.25 4.74
N LYS B 239 17.80 -11.39 4.33
CA LYS B 239 17.33 -10.75 3.12
C LYS B 239 16.50 -9.59 3.66
N TYR B 240 16.25 -8.58 2.85
CA TYR B 240 15.47 -7.45 3.32
C TYR B 240 14.65 -6.87 2.18
N GLY B 241 13.60 -6.15 2.55
CA GLY B 241 12.73 -5.53 1.57
C GLY B 241 11.35 -5.36 2.16
N SER B 242 10.38 -4.95 1.34
CA SER B 242 9.03 -4.77 1.83
C SER B 242 8.37 -6.12 2.05
N ILE B 243 7.42 -6.16 2.98
CA ILE B 243 6.71 -7.39 3.31
C ILE B 243 6.08 -8.09 2.09
N ILE B 244 5.32 -7.35 1.30
CA ILE B 244 4.64 -7.92 0.15
C ILE B 244 5.58 -8.42 -0.96
N THR B 245 6.71 -7.73 -1.12
CA THR B 245 7.71 -8.07 -2.12
C THR B 245 8.64 -9.20 -1.68
N THR B 246 8.82 -9.34 -0.37
CA THR B 246 9.72 -10.34 0.18
C THR B 246 9.12 -11.69 0.54
N ILE B 247 7.99 -11.69 1.22
CA ILE B 247 7.38 -12.96 1.60
C ILE B 247 6.03 -13.21 0.93
N TYR B 248 5.07 -12.32 1.13
CA TYR B 248 3.74 -12.48 0.55
C TYR B 248 2.81 -11.38 1.05
N GLN B 249 1.63 -11.28 0.44
CA GLN B 249 0.68 -10.27 0.89
C GLN B 249 0.22 -10.72 2.28
N ALA B 250 0.11 -9.76 3.19
CA ALA B 250 -0.33 -10.06 4.55
C ALA B 250 -1.03 -8.80 5.03
N SER B 251 -2.28 -8.95 5.47
CA SER B 251 -3.06 -7.81 5.92
C SER B 251 -3.21 -7.76 7.44
N GLY B 252 -3.38 -6.55 7.96
CA GLY B 252 -3.55 -6.36 9.39
C GLY B 252 -2.30 -6.52 10.24
N GLY B 253 -1.13 -6.32 9.63
CA GLY B 253 0.14 -6.44 10.34
C GLY B 253 0.49 -5.16 11.11
N SER B 254 1.12 -5.32 12.26
CA SER B 254 1.45 -4.17 13.13
C SER B 254 2.30 -3.06 12.54
N ILE B 255 3.32 -3.39 11.76
CA ILE B 255 4.20 -2.35 11.20
C ILE B 255 3.55 -1.48 10.13
N ASP B 256 2.55 -2.03 9.43
CA ASP B 256 1.85 -1.25 8.42
C ASP B 256 0.99 -0.23 9.17
N TRP B 257 0.46 -0.65 10.31
CA TRP B 257 -0.35 0.22 11.14
C TRP B 257 0.52 1.32 11.74
N SER B 258 1.65 0.94 12.33
CA SER B 258 2.55 1.92 12.95
C SER B 258 3.02 2.95 11.91
N TYR B 259 3.43 2.49 10.75
CA TYR B 259 3.90 3.39 9.71
C TYR B 259 2.77 4.35 9.30
N ASN B 260 1.54 3.85 9.18
CA ASN B 260 0.42 4.72 8.82
C ASN B 260 0.09 5.70 9.93
N GLN B 261 0.66 5.46 11.10
CA GLN B 261 0.43 6.32 12.24
C GLN B 261 1.48 7.44 12.25
N GLY B 262 2.44 7.37 11.32
CA GLY B 262 3.47 8.39 11.25
C GLY B 262 4.80 7.97 11.84
N ILE B 263 4.88 6.73 12.31
CA ILE B 263 6.12 6.22 12.89
C ILE B 263 6.94 5.70 11.69
N LYS B 264 7.80 6.57 11.16
CA LYS B 264 8.61 6.26 9.99
C LYS B 264 9.45 4.99 10.04
N TYR B 265 10.20 4.80 11.12
CA TYR B 265 11.06 3.63 11.25
C TYR B 265 10.37 2.41 11.84
N SER B 266 9.56 1.78 11.01
CA SER B 266 8.80 0.60 11.41
C SER B 266 9.36 -0.61 10.68
N PHE B 267 9.99 -1.51 11.44
CA PHE B 267 10.60 -2.72 10.89
C PHE B 267 10.19 -3.98 11.64
N THR B 268 10.23 -5.10 10.95
CA THR B 268 9.94 -6.39 11.56
C THR B 268 11.14 -7.28 11.25
N PHE B 269 11.65 -7.93 12.29
CA PHE B 269 12.77 -8.86 12.14
C PHE B 269 12.19 -10.27 12.21
N GLU B 270 12.70 -11.17 11.37
CA GLU B 270 12.32 -12.58 11.38
C GLU B 270 13.67 -13.23 11.71
N LEU B 271 13.81 -13.69 12.94
CA LEU B 271 15.07 -14.29 13.40
C LEU B 271 15.39 -15.67 12.83
N ARG B 272 16.45 -16.26 13.36
CA ARG B 272 16.89 -17.59 12.93
C ARG B 272 15.83 -18.63 13.26
N ASP B 273 15.84 -19.75 12.54
CA ASP B 273 16.82 -19.93 11.48
C ASP B 273 16.14 -19.75 10.13
N THR B 274 16.77 -21.19 8.71
CA THR B 274 15.91 -20.82 7.59
C THR B 274 14.96 -22.00 7.36
N GLY B 275 14.76 -22.79 8.41
CA GLY B 275 13.87 -23.93 8.31
C GLY B 275 14.41 -25.23 8.87
N ARG B 276 15.71 -25.30 9.14
CA ARG B 276 16.27 -26.53 9.68
C ARG B 276 15.58 -26.91 10.98
N TYR B 277 15.49 -25.95 11.90
CA TYR B 277 14.82 -26.18 13.19
C TYR B 277 13.53 -25.38 13.30
N GLY B 278 13.43 -24.30 12.53
CA GLY B 278 12.24 -23.47 12.54
C GLY B 278 11.93 -22.89 13.91
N PHE B 279 10.72 -23.13 14.38
CA PHE B 279 10.28 -22.63 15.67
C PHE B 279 10.96 -23.35 16.83
N LEU B 280 11.49 -24.54 16.58
CA LEU B 280 12.15 -25.28 17.65
C LEU B 280 13.66 -25.09 17.64
N LEU B 281 14.10 -23.84 17.56
CA LEU B 281 15.51 -23.49 17.57
C LEU B 281 16.15 -24.01 18.85
N PRO B 282 17.32 -24.67 18.74
CA PRO B 282 18.00 -25.20 19.93
C PRO B 282 18.41 -24.10 20.90
N ALA B 283 18.35 -24.39 22.19
CA ALA B 283 18.70 -23.40 23.21
C ALA B 283 20.13 -22.88 23.05
N SER B 284 20.99 -23.68 22.42
CA SER B 284 22.38 -23.28 22.21
C SER B 284 22.54 -22.13 21.24
N GLN B 285 21.46 -21.74 20.57
CA GLN B 285 21.55 -20.65 19.61
C GLN B 285 20.93 -19.36 20.13
N ILE B 286 20.38 -19.41 21.35
CA ILE B 286 19.76 -18.23 21.95
C ILE B 286 20.72 -17.04 22.04
N ILE B 287 21.84 -17.22 22.73
CA ILE B 287 22.80 -16.13 22.88
C ILE B 287 23.37 -15.63 21.55
N PRO B 288 23.83 -16.53 20.67
CA PRO B 288 24.37 -16.08 19.38
C PRO B 288 23.34 -15.26 18.59
N THR B 289 22.09 -15.74 18.57
CA THR B 289 21.01 -15.06 17.87
C THR B 289 20.77 -13.67 18.45
N ALA B 290 20.69 -13.60 19.77
CA ALA B 290 20.46 -12.33 20.45
C ALA B 290 21.63 -11.37 20.22
N GLN B 291 22.84 -11.91 20.23
CA GLN B 291 24.02 -11.07 20.02
C GLN B 291 24.07 -10.40 18.65
N GLU B 292 23.81 -11.18 17.60
CA GLU B 292 23.85 -10.63 16.24
C GLU B 292 22.66 -9.73 15.97
N THR B 293 21.49 -10.10 16.50
CA THR B 293 20.29 -9.31 16.31
C THR B 293 20.46 -7.94 16.96
N TRP B 294 21.15 -7.91 18.10
CA TRP B 294 21.40 -6.65 18.79
C TRP B 294 22.14 -5.65 17.90
N LEU B 295 23.12 -6.14 17.14
CA LEU B 295 23.87 -5.25 16.26
C LEU B 295 22.94 -4.67 15.20
N GLY B 296 21.98 -5.48 14.76
CA GLY B 296 21.02 -5.03 13.77
C GLY B 296 20.07 -3.98 14.34
N VAL B 297 19.57 -4.22 15.54
CA VAL B 297 18.65 -3.28 16.18
C VAL B 297 19.36 -1.98 16.53
N LEU B 298 20.59 -2.09 17.04
CA LEU B 298 21.37 -0.91 17.41
C LEU B 298 21.54 0.01 16.18
N THR B 299 21.83 -0.61 15.03
CA THR B 299 22.01 0.13 13.78
C THR B 299 20.78 0.98 13.45
N ILE B 300 19.60 0.40 13.61
CA ILE B 300 18.35 1.11 13.33
C ILE B 300 18.17 2.25 14.34
N MET B 301 18.45 1.97 15.61
CA MET B 301 18.31 2.98 16.65
C MET B 301 19.21 4.18 16.39
N GLU B 302 20.45 3.91 15.98
CA GLU B 302 21.40 4.99 15.71
C GLU B 302 20.91 5.91 14.59
N HIS B 303 20.29 5.32 13.58
CA HIS B 303 19.78 6.09 12.46
C HIS B 303 18.59 6.93 12.92
N THR B 304 17.88 6.44 13.93
CA THR B 304 16.72 7.13 14.47
C THR B 304 17.11 8.37 15.25
N VAL B 305 18.19 8.28 16.01
CA VAL B 305 18.65 9.40 16.82
C VAL B 305 19.13 10.56 15.94
N ASN B 306 19.89 10.25 14.90
CA ASN B 306 20.42 11.26 14.00
C ASN B 306 19.40 11.70 12.95
N ASN B 307 18.17 11.20 13.07
CA ASN B 307 17.11 11.53 12.12
C ASN B 307 15.76 11.66 12.82
N ALA C 1 -14.47 -20.34 2.53
CA ALA C 1 -13.47 -19.65 3.40
C ALA C 1 -13.67 -20.01 4.87
N ARG C 2 -14.50 -21.03 5.11
CA ARG C 2 -14.80 -21.48 6.47
C ARG C 2 -15.67 -22.74 6.42
N SER C 3 -15.82 -23.28 5.21
CA SER C 3 -16.61 -24.49 4.97
C SER C 3 -16.22 -24.97 3.57
N THR C 4 -15.95 -26.26 3.44
CA THR C 4 -15.55 -26.78 2.13
C THR C 4 -16.63 -26.53 1.08
N ASN C 5 -17.82 -26.15 1.54
CA ASN C 5 -18.92 -25.88 0.62
C ASN C 5 -18.95 -24.42 0.17
N THR C 6 -18.16 -23.57 0.82
CA THR C 6 -18.08 -22.16 0.43
C THR C 6 -16.75 -21.90 -0.26
N PHE C 7 -15.89 -22.91 -0.29
CA PHE C 7 -14.58 -22.80 -0.92
C PHE C 7 -14.75 -22.70 -2.44
N ASN C 8 -13.99 -21.81 -3.06
CA ASN C 8 -14.06 -21.62 -4.51
C ASN C 8 -13.10 -22.54 -5.26
N TYR C 9 -13.63 -23.65 -5.76
CA TYR C 9 -12.83 -24.63 -6.49
C TYR C 9 -12.47 -24.19 -7.90
N ALA C 10 -13.08 -23.09 -8.35
CA ALA C 10 -12.85 -22.60 -9.71
C ALA C 10 -11.82 -21.47 -9.79
N THR C 11 -10.96 -21.38 -8.80
CA THR C 11 -9.93 -20.36 -8.81
C THR C 11 -8.66 -20.94 -8.19
N TYR C 12 -7.53 -20.29 -8.42
CA TYR C 12 -6.26 -20.75 -7.88
C TYR C 12 -6.06 -20.17 -6.47
N HIS C 13 -5.50 -20.98 -5.58
CA HIS C 13 -5.29 -20.58 -4.20
C HIS C 13 -3.84 -20.59 -3.75
N THR C 14 -3.58 -19.94 -2.62
CA THR C 14 -2.25 -19.85 -2.04
C THR C 14 -2.04 -21.06 -1.13
N LEU C 15 -0.83 -21.23 -0.61
CA LEU C 15 -0.53 -22.36 0.25
C LEU C 15 -1.39 -22.32 1.52
N ASP C 16 -1.49 -21.16 2.16
CA ASP C 16 -2.30 -21.04 3.36
C ASP C 16 -3.75 -21.47 3.16
N GLU C 17 -4.32 -21.06 2.02
CA GLU C 17 -5.71 -21.39 1.73
C GLU C 17 -5.91 -22.90 1.56
N ILE C 18 -4.96 -23.56 0.90
CA ILE C 18 -5.06 -25.01 0.70
C ILE C 18 -4.85 -25.74 2.03
N TYR C 19 -3.88 -25.31 2.82
CA TYR C 19 -3.64 -25.95 4.11
C TYR C 19 -4.85 -25.77 5.02
N ASP C 20 -5.48 -24.60 4.96
CA ASP C 20 -6.66 -24.35 5.78
C ASP C 20 -7.80 -25.24 5.29
N PHE C 21 -7.91 -25.39 3.97
CA PHE C 21 -8.92 -26.24 3.36
C PHE C 21 -8.81 -27.66 3.94
N MET C 22 -7.58 -28.15 4.03
CA MET C 22 -7.35 -29.49 4.56
C MET C 22 -7.94 -29.64 5.95
N ASP C 23 -7.76 -28.64 6.80
CA ASP C 23 -8.30 -28.70 8.15
C ASP C 23 -9.81 -28.66 8.15
N LEU C 24 -10.40 -27.89 7.24
CA LEU C 24 -11.86 -27.80 7.17
C LEU C 24 -12.44 -29.16 6.76
N LEU C 25 -11.82 -29.79 5.76
CA LEU C 25 -12.30 -31.09 5.29
C LEU C 25 -12.25 -32.14 6.40
N VAL C 26 -11.12 -32.20 7.11
CA VAL C 26 -10.94 -33.15 8.20
C VAL C 26 -12.00 -32.95 9.30
N ALA C 27 -12.28 -31.70 9.63
CA ALA C 27 -13.27 -31.38 10.66
C ALA C 27 -14.68 -31.80 10.24
N GLN C 28 -14.97 -31.72 8.95
CA GLN C 28 -16.28 -32.06 8.42
C GLN C 28 -16.51 -33.56 8.20
N HIS C 29 -15.44 -34.30 7.95
CA HIS C 29 -15.55 -35.73 7.70
C HIS C 29 -14.49 -36.50 8.49
N PRO C 30 -14.56 -36.42 9.84
CA PRO C 30 -13.63 -37.08 10.76
C PRO C 30 -13.52 -38.59 10.62
N GLU C 31 -14.63 -39.25 10.31
CA GLU C 31 -14.65 -40.70 10.18
C GLU C 31 -14.05 -41.21 8.88
N LEU C 32 -13.74 -40.30 7.96
CA LEU C 32 -13.20 -40.69 6.66
C LEU C 32 -11.82 -40.15 6.32
N VAL C 33 -11.54 -38.92 6.72
CA VAL C 33 -10.26 -38.32 6.40
C VAL C 33 -9.48 -37.75 7.58
N SER C 34 -8.17 -37.99 7.57
CA SER C 34 -7.28 -37.47 8.60
C SER C 34 -6.08 -36.83 7.90
N LYS C 35 -5.43 -35.89 8.57
CA LYS C 35 -4.28 -35.21 8.00
C LYS C 35 -2.99 -35.67 8.67
N LEU C 36 -2.04 -36.13 7.86
CA LEU C 36 -0.76 -36.61 8.38
C LEU C 36 0.41 -35.75 7.94
N GLN C 37 1.35 -35.52 8.85
CA GLN C 37 2.54 -34.75 8.49
C GLN C 37 3.63 -35.81 8.28
N ILE C 38 4.14 -35.91 7.07
CA ILE C 38 5.16 -36.90 6.76
C ILE C 38 6.58 -36.31 6.76
N GLY C 39 6.66 -35.01 7.02
CA GLY C 39 7.96 -34.35 7.05
C GLY C 39 7.85 -32.84 6.99
N ARG C 40 8.98 -32.18 6.80
CA ARG C 40 9.03 -30.73 6.68
C ARG C 40 9.90 -30.42 5.48
N SER C 41 9.54 -29.36 4.75
CA SER C 41 10.27 -28.95 3.57
C SER C 41 11.62 -28.35 3.95
N TYR C 42 12.44 -28.06 2.95
CA TYR C 42 13.75 -27.47 3.20
C TYR C 42 13.60 -26.19 4.04
N GLU C 43 12.59 -25.38 3.74
CA GLU C 43 12.39 -24.15 4.47
C GLU C 43 11.49 -24.30 5.70
N GLY C 44 11.37 -25.53 6.17
CA GLY C 44 10.60 -25.83 7.37
C GLY C 44 9.08 -25.91 7.34
N ARG C 45 8.47 -25.82 6.16
CA ARG C 45 7.02 -25.90 6.08
C ARG C 45 6.57 -27.35 6.22
N PRO C 46 5.47 -27.58 6.93
CA PRO C 46 5.00 -28.96 7.08
C PRO C 46 4.57 -29.56 5.75
N ILE C 47 4.81 -30.86 5.58
CA ILE C 47 4.41 -31.56 4.35
C ILE C 47 3.24 -32.44 4.76
N TYR C 48 2.05 -32.15 4.24
CA TYR C 48 0.87 -32.92 4.62
C TYR C 48 0.33 -33.85 3.56
N VAL C 49 -0.24 -34.96 4.04
CA VAL C 49 -0.87 -35.95 3.18
C VAL C 49 -2.24 -36.21 3.80
N LEU C 50 -3.27 -36.34 2.96
CA LEU C 50 -4.61 -36.62 3.45
C LEU C 50 -4.84 -38.11 3.28
N LYS C 51 -5.27 -38.77 4.36
CA LYS C 51 -5.53 -40.20 4.32
C LYS C 51 -7.03 -40.44 4.33
N PHE C 52 -7.52 -41.11 3.29
CA PHE C 52 -8.95 -41.43 3.21
C PHE C 52 -9.04 -42.91 3.50
N SER C 53 -9.80 -43.26 4.53
CA SER C 53 -9.93 -44.67 4.90
C SER C 53 -11.26 -44.96 5.55
N THR C 54 -11.76 -46.17 5.32
CA THR C 54 -13.04 -46.58 5.88
C THR C 54 -12.78 -47.47 7.09
N GLY C 55 -11.52 -47.65 7.44
CA GLY C 55 -11.16 -48.46 8.59
C GLY C 55 -10.13 -49.53 8.27
N GLY C 56 -10.27 -50.69 8.90
CA GLY C 56 -9.36 -51.79 8.67
C GLY C 56 -7.99 -51.64 9.29
N SER C 57 -7.17 -52.69 9.16
CA SER C 57 -5.81 -52.67 9.70
C SER C 57 -4.91 -51.86 8.78
N ASN C 58 -4.26 -52.53 7.84
CA ASN C 58 -3.38 -51.87 6.89
C ASN C 58 -3.76 -52.24 5.46
N ARG C 59 -4.98 -51.88 5.07
CA ARG C 59 -5.48 -52.16 3.73
C ARG C 59 -4.44 -51.76 2.68
N PRO C 60 -4.49 -52.38 1.50
CA PRO C 60 -3.53 -52.02 0.46
C PRO C 60 -3.88 -50.57 0.15
N ALA C 61 -2.91 -49.79 -0.30
CA ALA C 61 -3.21 -48.39 -0.54
C ALA C 61 -2.88 -47.86 -1.92
N ILE C 62 -3.41 -46.67 -2.20
CA ILE C 62 -3.19 -45.98 -3.45
C ILE C 62 -2.53 -44.64 -3.12
N TRP C 63 -1.41 -44.35 -3.76
CA TRP C 63 -0.73 -43.08 -3.53
C TRP C 63 -0.95 -42.12 -4.70
N ILE C 64 -1.24 -40.86 -4.37
CA ILE C 64 -1.44 -39.84 -5.38
C ILE C 64 -0.77 -38.56 -4.91
N ASP C 65 0.18 -38.05 -5.69
CA ASP C 65 0.82 -36.80 -5.34
C ASP C 65 0.67 -35.81 -6.49
N LEU C 66 0.60 -34.54 -6.12
CA LEU C 66 0.44 -33.47 -7.09
C LEU C 66 1.35 -32.31 -6.72
N GLY C 67 1.64 -31.47 -7.70
CA GLY C 67 2.47 -30.30 -7.46
C GLY C 67 3.91 -30.54 -7.07
N ILE C 68 4.53 -31.63 -7.55
CA ILE C 68 5.93 -31.86 -7.21
C ILE C 68 6.73 -30.75 -7.91
N HIS C 69 6.20 -30.26 -9.02
CA HIS C 69 6.79 -29.16 -9.77
C HIS C 69 5.83 -28.00 -9.51
N SER C 70 6.29 -27.03 -8.72
CA SER C 70 5.47 -25.91 -8.29
C SER C 70 4.68 -25.09 -9.31
N ARG C 71 5.24 -24.84 -10.48
CA ARG C 71 4.56 -24.03 -11.49
C ARG C 71 3.35 -24.68 -12.17
N GLU C 72 3.18 -25.97 -12.01
CA GLU C 72 2.07 -26.69 -12.63
C GLU C 72 0.82 -26.56 -11.74
N TRP C 73 0.37 -25.32 -11.60
CA TRP C 73 -0.80 -24.98 -10.77
C TRP C 73 -2.08 -25.78 -10.97
N ILE C 74 -2.34 -26.24 -12.18
CA ILE C 74 -3.56 -27.01 -12.42
C ILE C 74 -3.56 -28.29 -11.56
N THR C 75 -2.38 -28.79 -11.21
CA THR C 75 -2.30 -30.01 -10.40
C THR C 75 -2.77 -29.79 -8.96
N GLN C 76 -2.26 -28.75 -8.29
CA GLN C 76 -2.70 -28.51 -6.91
C GLN C 76 -4.20 -28.23 -6.89
N ALA C 77 -4.69 -27.53 -7.91
CA ALA C 77 -6.11 -27.19 -8.01
C ALA C 77 -6.96 -28.44 -8.19
N THR C 78 -6.44 -29.39 -8.97
CA THR C 78 -7.13 -30.65 -9.21
C THR C 78 -7.09 -31.49 -7.95
N GLY C 79 -5.98 -31.38 -7.20
CA GLY C 79 -5.84 -32.13 -5.97
C GLY C 79 -6.89 -31.72 -4.96
N VAL C 80 -7.09 -30.41 -4.80
CA VAL C 80 -8.09 -29.89 -3.87
C VAL C 80 -9.47 -30.40 -4.27
N TRP C 81 -9.77 -30.36 -5.57
CA TRP C 81 -11.05 -30.83 -6.07
C TRP C 81 -11.25 -32.33 -5.79
N PHE C 82 -10.19 -33.12 -5.96
CA PHE C 82 -10.23 -34.56 -5.70
C PHE C 82 -10.61 -34.84 -4.24
N ALA C 83 -9.93 -34.16 -3.32
CA ALA C 83 -10.20 -34.33 -1.90
C ALA C 83 -11.68 -34.13 -1.59
N LYS C 84 -12.26 -33.08 -2.16
CA LYS C 84 -13.67 -32.81 -1.93
C LYS C 84 -14.53 -33.91 -2.56
N LYS C 85 -14.24 -34.27 -3.80
CA LYS C 85 -15.03 -35.30 -4.46
C LYS C 85 -15.05 -36.64 -3.73
N PHE C 86 -13.93 -37.01 -3.10
CA PHE C 86 -13.88 -38.27 -2.38
C PHE C 86 -14.96 -38.29 -1.31
N THR C 87 -15.07 -37.18 -0.57
CA THR C 87 -16.06 -37.09 0.50
C THR C 87 -17.50 -36.98 -0.02
N GLU C 88 -17.67 -36.56 -1.26
CA GLU C 88 -19.01 -36.46 -1.83
C GLU C 88 -19.49 -37.80 -2.38
N ASN C 89 -18.62 -38.47 -3.11
CA ASN C 89 -18.96 -39.75 -3.74
C ASN C 89 -18.93 -41.01 -2.89
N TYR C 90 -18.25 -41.00 -1.74
CA TYR C 90 -18.23 -42.20 -0.94
C TYR C 90 -19.63 -42.47 -0.39
N GLY C 91 -20.10 -43.70 -0.59
CA GLY C 91 -21.42 -44.07 -0.13
C GLY C 91 -22.47 -43.77 -1.19
N GLN C 92 -22.10 -42.91 -2.14
CA GLN C 92 -23.01 -42.52 -3.22
C GLN C 92 -22.68 -43.20 -4.54
N ASN C 93 -21.42 -43.12 -4.96
CA ASN C 93 -20.99 -43.74 -6.20
C ASN C 93 -20.62 -45.19 -5.88
N PRO C 94 -21.27 -46.15 -6.54
CA PRO C 94 -21.02 -47.58 -6.33
C PRO C 94 -19.56 -48.00 -6.49
N SER C 95 -18.95 -47.55 -7.59
CA SER C 95 -17.56 -47.89 -7.88
C SER C 95 -16.57 -47.32 -6.87
N PHE C 96 -16.65 -46.02 -6.60
CA PHE C 96 -15.73 -45.41 -5.65
C PHE C 96 -15.93 -45.99 -4.24
N THR C 97 -17.19 -46.20 -3.86
CA THR C 97 -17.48 -46.76 -2.54
C THR C 97 -16.79 -48.11 -2.39
N ALA C 98 -16.87 -48.92 -3.44
CA ALA C 98 -16.24 -50.24 -3.42
C ALA C 98 -14.75 -50.11 -3.19
N ILE C 99 -14.15 -49.12 -3.82
CA ILE C 99 -12.71 -48.87 -3.70
C ILE C 99 -12.31 -48.54 -2.27
N LEU C 100 -12.97 -47.56 -1.66
CA LEU C 100 -12.63 -47.18 -0.29
C LEU C 100 -12.95 -48.22 0.76
N ASP C 101 -13.84 -49.17 0.45
CA ASP C 101 -14.19 -50.23 1.40
C ASP C 101 -13.11 -51.30 1.43
N SER C 102 -12.24 -51.29 0.43
CA SER C 102 -11.17 -52.28 0.35
C SER C 102 -9.76 -51.69 0.43
N MET C 103 -9.62 -50.41 0.10
CA MET C 103 -8.30 -49.78 0.12
C MET C 103 -8.31 -48.36 0.65
N ASP C 104 -7.12 -47.89 1.05
CA ASP C 104 -6.97 -46.52 1.54
C ASP C 104 -6.35 -45.69 0.42
N ILE C 105 -6.65 -44.39 0.43
CA ILE C 105 -6.10 -43.48 -0.56
C ILE C 105 -5.29 -42.38 0.15
N PHE C 106 -4.04 -42.19 -0.25
CA PHE C 106 -3.22 -41.14 0.34
C PHE C 106 -3.03 -40.07 -0.72
N LEU C 107 -3.40 -38.83 -0.37
CA LEU C 107 -3.31 -37.73 -1.31
C LEU C 107 -2.42 -36.59 -0.82
N GLU C 108 -1.37 -36.31 -1.58
CA GLU C 108 -0.47 -35.21 -1.23
C GLU C 108 -0.72 -34.12 -2.26
N ILE C 109 -1.46 -33.09 -1.86
CA ILE C 109 -1.82 -31.98 -2.74
C ILE C 109 -0.70 -31.03 -3.10
N VAL C 110 0.16 -30.69 -2.14
CA VAL C 110 1.29 -29.80 -2.39
C VAL C 110 2.57 -30.53 -1.99
N THR C 111 3.17 -31.22 -2.95
CA THR C 111 4.37 -32.01 -2.71
C THR C 111 5.64 -31.18 -2.55
N ASN C 112 5.63 -29.98 -3.13
CA ASN C 112 6.77 -29.05 -3.10
C ASN C 112 6.24 -27.70 -2.63
N PRO C 113 5.98 -27.56 -1.32
CA PRO C 113 5.47 -26.31 -0.75
C PRO C 113 6.39 -25.09 -0.82
N ASN C 114 7.70 -25.28 -0.75
CA ASN C 114 8.61 -24.14 -0.81
C ASN C 114 8.54 -23.56 -2.22
N GLY C 115 8.49 -24.45 -3.20
CA GLY C 115 8.40 -24.01 -4.58
C GLY C 115 7.09 -23.31 -4.85
N PHE C 116 6.01 -23.86 -4.30
CA PHE C 116 4.66 -23.30 -4.48
C PHE C 116 4.57 -21.88 -3.91
N ALA C 117 5.12 -21.68 -2.72
CA ALA C 117 5.08 -20.36 -2.11
C ALA C 117 5.83 -19.37 -3.00
N PHE C 118 6.97 -19.82 -3.53
CA PHE C 118 7.80 -18.99 -4.39
C PHE C 118 7.08 -18.60 -5.69
N THR C 119 6.26 -19.49 -6.24
CA THR C 119 5.55 -19.16 -7.49
C THR C 119 4.51 -18.08 -7.27
N HIS C 120 4.07 -17.93 -6.02
CA HIS C 120 3.07 -16.92 -5.66
C HIS C 120 3.71 -15.58 -5.30
N SER C 121 4.92 -15.61 -4.76
CA SER C 121 5.58 -14.38 -4.33
C SER C 121 6.60 -13.78 -5.28
N GLU C 122 7.37 -14.60 -5.96
CA GLU C 122 8.41 -14.05 -6.83
C GLU C 122 8.58 -14.57 -8.25
N ASN C 123 8.45 -15.87 -8.45
CA ASN C 123 8.62 -16.43 -9.78
C ASN C 123 7.52 -17.42 -10.09
N ARG C 124 6.52 -16.96 -10.84
CA ARG C 124 5.37 -17.77 -11.23
C ARG C 124 5.76 -19.08 -11.93
N LEU C 125 6.90 -19.09 -12.61
CA LEU C 125 7.34 -20.27 -13.34
C LEU C 125 8.41 -21.14 -12.68
N TRP C 126 8.57 -21.02 -11.36
CA TRP C 126 9.56 -21.82 -10.66
C TRP C 126 9.14 -23.28 -10.64
N ARG C 127 10.06 -24.16 -11.01
CA ARG C 127 9.80 -25.60 -11.09
C ARG C 127 10.40 -26.46 -9.97
N LYS C 128 11.61 -26.10 -9.56
CA LYS C 128 12.36 -26.85 -8.55
C LYS C 128 12.04 -26.61 -7.08
N THR C 129 12.80 -27.28 -6.22
CA THR C 129 12.66 -27.11 -4.78
C THR C 129 13.39 -25.81 -4.45
N ARG C 130 13.60 -25.54 -3.16
CA ARG C 130 14.26 -24.32 -2.72
C ARG C 130 15.54 -24.56 -1.92
N SER C 131 16.14 -25.74 -2.02
CA SER C 131 17.35 -26.03 -1.28
C SER C 131 18.55 -25.27 -1.81
N VAL C 132 19.44 -24.90 -0.89
CA VAL C 132 20.64 -24.16 -1.24
C VAL C 132 21.88 -24.99 -0.96
N THR C 133 22.91 -24.77 -1.78
CA THR C 133 24.18 -25.47 -1.63
C THR C 133 25.32 -24.52 -1.99
N SER C 134 26.36 -24.53 -1.17
CA SER C 134 27.52 -23.68 -1.37
C SER C 134 28.22 -23.91 -2.72
N SER C 135 28.08 -25.12 -3.26
CA SER C 135 28.70 -25.45 -4.53
C SER C 135 28.22 -24.57 -5.68
N SER C 136 27.20 -23.76 -5.40
CA SER C 136 26.65 -22.88 -6.44
C SER C 136 25.78 -21.78 -5.84
N LEU C 137 25.50 -20.75 -6.64
CA LEU C 137 24.65 -19.64 -6.21
C LEU C 137 23.25 -19.84 -6.76
N CYS C 138 23.07 -20.89 -7.55
CA CYS C 138 21.76 -21.20 -8.10
C CYS C 138 21.02 -22.02 -7.02
N VAL C 139 19.70 -21.93 -7.02
CA VAL C 139 18.89 -22.61 -6.01
C VAL C 139 17.99 -23.72 -6.54
N GLY C 140 17.73 -24.72 -5.69
CA GLY C 140 16.82 -25.79 -6.04
C GLY C 140 17.27 -26.99 -6.85
N VAL C 141 16.48 -28.06 -6.71
CA VAL C 141 16.70 -29.32 -7.40
C VAL C 141 15.38 -29.74 -8.04
N ASP C 142 15.45 -30.39 -9.18
CA ASP C 142 14.25 -30.88 -9.85
C ASP C 142 13.86 -32.12 -9.06
N ALA C 143 12.82 -32.00 -8.23
CA ALA C 143 12.38 -33.12 -7.39
C ALA C 143 12.01 -34.37 -8.19
N ASN C 144 11.68 -34.22 -9.47
CA ASN C 144 11.35 -35.41 -10.25
C ASN C 144 12.51 -35.94 -11.08
N ARG C 145 13.73 -35.65 -10.64
CA ARG C 145 14.95 -36.15 -11.26
C ARG C 145 15.86 -36.57 -10.10
N ASN C 146 15.32 -36.49 -8.90
CA ASN C 146 16.04 -36.79 -7.66
C ASN C 146 15.81 -38.18 -7.08
N TRP C 147 14.95 -38.98 -7.70
CA TRP C 147 14.67 -40.32 -7.18
C TRP C 147 15.72 -41.36 -7.55
N ASP C 148 15.78 -42.43 -6.76
CA ASP C 148 16.77 -43.50 -6.95
C ASP C 148 16.32 -44.49 -8.02
N ALA C 149 16.32 -44.03 -9.27
CA ALA C 149 15.94 -44.85 -10.41
C ALA C 149 16.74 -44.30 -11.59
N GLY C 150 17.85 -44.94 -11.90
CA GLY C 150 18.70 -44.46 -12.98
C GLY C 150 19.21 -43.07 -12.66
N PHE C 151 19.34 -42.76 -11.37
CA PHE C 151 19.81 -41.45 -10.93
C PHE C 151 21.08 -40.99 -11.62
N GLY C 152 21.08 -39.74 -12.07
CA GLY C 152 22.25 -39.19 -12.73
C GLY C 152 22.50 -39.57 -14.18
N LYS C 153 21.66 -40.45 -14.73
CA LYS C 153 21.83 -40.87 -16.12
C LYS C 153 21.22 -39.82 -17.05
N ALA C 154 21.31 -40.06 -18.35
CA ALA C 154 20.75 -39.13 -19.33
C ALA C 154 19.30 -38.81 -18.98
N GLY C 155 18.89 -37.57 -19.21
CA GLY C 155 17.52 -37.18 -18.90
C GLY C 155 17.47 -36.21 -17.72
N ALA C 156 18.64 -35.86 -17.21
CA ALA C 156 18.74 -34.94 -16.08
C ALA C 156 20.03 -34.15 -16.24
N SER C 157 20.07 -32.94 -15.70
CA SER C 157 21.26 -32.11 -15.80
C SER C 157 22.10 -32.16 -14.54
N SER C 158 23.42 -32.11 -14.70
CA SER C 158 24.34 -32.14 -13.57
C SER C 158 24.70 -30.72 -13.11
N SER C 159 24.12 -29.72 -13.76
CA SER C 159 24.37 -28.32 -13.42
C SER C 159 23.31 -27.76 -12.48
N PRO C 160 23.73 -27.28 -11.29
CA PRO C 160 22.83 -26.71 -10.27
C PRO C 160 21.88 -25.64 -10.80
N CYS C 161 22.30 -24.92 -11.84
CA CYS C 161 21.48 -23.87 -12.41
C CYS C 161 20.39 -24.35 -13.36
N SER C 162 20.44 -25.63 -13.72
CA SER C 162 19.45 -26.17 -14.65
C SER C 162 18.09 -26.40 -14.04
N GLU C 163 17.06 -26.26 -14.86
CA GLU C 163 15.69 -26.46 -14.42
C GLU C 163 15.49 -27.96 -14.16
N THR C 164 16.43 -28.77 -14.67
CA THR C 164 16.34 -30.21 -14.50
C THR C 164 17.50 -30.80 -13.70
N TYR C 165 18.10 -29.99 -12.86
CA TYR C 165 19.22 -30.44 -12.02
C TYR C 165 18.76 -31.58 -11.11
N HIS C 166 19.49 -32.68 -11.13
CA HIS C 166 19.12 -33.85 -10.33
C HIS C 166 19.58 -33.86 -8.87
N GLY C 167 20.36 -32.86 -8.48
CA GLY C 167 20.84 -32.81 -7.11
C GLY C 167 22.14 -33.56 -6.90
N LYS C 168 22.73 -33.40 -5.72
CA LYS C 168 24.00 -34.06 -5.39
C LYS C 168 23.95 -35.58 -5.34
N TYR C 169 22.81 -36.12 -4.94
CA TYR C 169 22.65 -37.57 -4.85
C TYR C 169 21.18 -37.92 -4.70
N ALA C 170 20.82 -39.15 -5.02
CA ALA C 170 19.42 -39.60 -4.93
C ALA C 170 18.81 -39.40 -3.55
N ASN C 171 17.59 -38.88 -3.54
CA ASN C 171 16.86 -38.62 -2.30
C ASN C 171 17.50 -37.51 -1.46
N SER C 172 18.27 -36.64 -2.09
CA SER C 172 18.91 -35.55 -1.36
C SER C 172 17.85 -34.55 -0.89
N GLU C 173 16.74 -34.46 -1.61
CA GLU C 173 15.69 -33.52 -1.24
C GLU C 173 14.76 -34.12 -0.20
N VAL C 174 14.54 -33.39 0.88
CA VAL C 174 13.68 -33.87 1.96
C VAL C 174 12.24 -34.06 1.49
N GLU C 175 11.81 -33.28 0.50
CA GLU C 175 10.45 -33.44 -0.02
C GLU C 175 10.31 -34.81 -0.66
N VAL C 176 11.41 -35.31 -1.21
CA VAL C 176 11.43 -36.61 -1.87
C VAL C 176 11.63 -37.73 -0.85
N LYS C 177 12.62 -37.58 0.02
CA LYS C 177 12.89 -38.61 1.01
C LYS C 177 11.68 -38.84 1.92
N SER C 178 10.92 -37.78 2.20
CA SER C 178 9.74 -37.89 3.06
C SER C 178 8.74 -38.88 2.48
N ILE C 179 8.60 -38.87 1.15
CA ILE C 179 7.68 -39.78 0.49
C ILE C 179 8.27 -41.18 0.48
N VAL C 180 9.55 -41.28 0.11
CA VAL C 180 10.25 -42.56 0.06
C VAL C 180 10.12 -43.32 1.38
N ASP C 181 10.42 -42.63 2.49
CA ASP C 181 10.34 -43.27 3.80
C ASP C 181 8.91 -43.68 4.15
N PHE C 182 7.94 -42.82 3.84
CA PHE C 182 6.55 -43.12 4.14
C PHE C 182 6.03 -44.33 3.37
N VAL C 183 6.39 -44.43 2.10
CA VAL C 183 5.95 -45.54 1.28
C VAL C 183 6.65 -46.84 1.69
N LYS C 184 7.93 -46.76 2.00
CA LYS C 184 8.67 -47.95 2.42
C LYS C 184 8.14 -48.47 3.75
N ASN C 185 7.83 -47.57 4.68
CA ASN C 185 7.32 -47.97 5.99
C ASN C 185 5.97 -48.68 5.86
N HIS C 186 5.08 -48.10 5.05
CA HIS C 186 3.76 -48.67 4.85
C HIS C 186 3.87 -50.09 4.27
N GLY C 187 4.61 -50.21 3.18
CA GLY C 187 4.86 -51.50 2.56
C GLY C 187 3.71 -52.18 1.84
N ASN C 188 2.55 -51.56 1.80
CA ASN C 188 1.42 -52.18 1.12
C ASN C 188 0.73 -51.28 0.09
N PHE C 189 1.52 -50.55 -0.67
CA PHE C 189 0.97 -49.68 -1.70
C PHE C 189 0.83 -50.50 -2.98
N LYS C 190 -0.33 -50.37 -3.63
CA LYS C 190 -0.59 -51.11 -4.85
C LYS C 190 -0.55 -50.22 -6.10
N ALA C 191 -0.81 -48.93 -5.91
CA ALA C 191 -0.79 -47.97 -7.02
C ALA C 191 -0.03 -46.72 -6.60
N PHE C 192 0.62 -46.08 -7.56
CA PHE C 192 1.40 -44.87 -7.30
C PHE C 192 1.20 -43.92 -8.48
N LEU C 193 0.48 -42.82 -8.25
CA LEU C 193 0.18 -41.84 -9.29
C LEU C 193 0.79 -40.48 -9.01
N SER C 194 1.57 -39.96 -9.96
CA SER C 194 2.17 -38.65 -9.81
C SER C 194 1.61 -37.76 -10.92
N ILE C 195 0.95 -36.67 -10.53
CA ILE C 195 0.32 -35.79 -11.50
C ILE C 195 1.10 -34.51 -11.81
N HIS C 196 1.23 -34.21 -13.11
CA HIS C 196 1.94 -33.04 -13.61
C HIS C 196 1.08 -32.37 -14.69
N SER C 197 1.69 -31.36 -15.33
CA SER C 197 1.11 -30.64 -16.46
C SER C 197 2.36 -30.07 -17.16
N TYR C 198 2.30 -29.81 -18.46
CA TYR C 198 1.14 -30.03 -19.32
C TYR C 198 1.59 -30.92 -20.49
N SER C 199 0.62 -31.41 -21.27
CA SER C 199 0.87 -32.23 -22.47
C SER C 199 -0.24 -33.22 -22.80
N GLN C 200 -1.12 -33.46 -21.86
CA GLN C 200 -2.22 -34.41 -22.05
C GLN C 200 -1.67 -35.77 -22.42
N LEU C 201 -1.00 -36.39 -21.45
CA LEU C 201 -0.41 -37.71 -21.63
C LEU C 201 -0.60 -38.56 -20.39
N LEU C 202 -0.59 -39.87 -20.58
CA LEU C 202 -0.70 -40.83 -19.49
C LEU C 202 0.51 -41.71 -19.72
N LEU C 203 1.48 -41.64 -18.80
CA LEU C 203 2.72 -42.39 -18.93
C LEU C 203 2.95 -43.48 -17.88
N TYR C 204 3.69 -44.51 -18.28
CA TYR C 204 4.07 -45.59 -17.37
C TYR C 204 5.59 -45.82 -17.56
N PRO C 205 6.25 -46.56 -16.64
CA PRO C 205 7.69 -46.81 -16.74
C PRO C 205 8.14 -47.45 -18.07
N TYR C 206 9.38 -47.24 -18.48
CA TYR C 206 10.37 -46.44 -17.76
C TYR C 206 10.79 -45.18 -18.52
N GLY C 207 11.46 -44.30 -17.80
CA GLY C 207 11.96 -43.07 -18.38
C GLY C 207 13.48 -43.11 -18.47
N TYR C 208 14.13 -43.87 -17.57
CA TYR C 208 15.60 -43.94 -17.56
C TYR C 208 16.24 -45.05 -18.42
N THR C 209 15.45 -46.03 -18.84
CA THR C 209 15.98 -47.13 -19.64
C THR C 209 15.02 -47.50 -20.77
N THR C 210 15.57 -48.03 -21.86
CA THR C 210 14.75 -48.43 -23.00
C THR C 210 14.10 -49.78 -22.72
N GLN C 211 14.48 -50.39 -21.61
CA GLN C 211 13.94 -51.69 -21.21
C GLN C 211 12.43 -51.61 -21.01
N SER C 212 11.69 -52.54 -21.63
CA SER C 212 10.24 -52.54 -21.48
C SER C 212 9.92 -53.26 -20.17
N ILE C 213 9.05 -52.68 -19.34
CA ILE C 213 8.69 -53.29 -18.08
C ILE C 213 8.01 -54.63 -18.32
N PRO C 214 8.15 -55.58 -17.38
CA PRO C 214 7.54 -56.91 -17.49
C PRO C 214 6.02 -56.87 -17.61
N ASP C 215 5.41 -55.83 -17.04
CA ASP C 215 3.96 -55.69 -17.06
C ASP C 215 3.44 -54.72 -18.11
N LYS C 216 4.23 -54.50 -19.15
CA LYS C 216 3.88 -53.58 -20.22
C LYS C 216 2.50 -53.80 -20.84
N THR C 217 2.15 -55.05 -21.14
CA THR C 217 0.85 -55.33 -21.75
C THR C 217 -0.30 -54.91 -20.86
N GLU C 218 -0.23 -55.28 -19.59
CA GLU C 218 -1.28 -54.93 -18.64
C GLU C 218 -1.39 -53.42 -18.43
N LEU C 219 -0.27 -52.75 -18.20
CA LEU C 219 -0.30 -51.30 -17.98
C LEU C 219 -0.75 -50.53 -19.23
N ASN C 220 -0.40 -51.04 -20.40
CA ASN C 220 -0.79 -50.39 -21.64
C ASN C 220 -2.31 -50.48 -21.78
N GLN C 221 -2.86 -51.62 -21.38
CA GLN C 221 -4.30 -51.87 -21.44
C GLN C 221 -5.00 -50.92 -20.48
N VAL C 222 -4.48 -50.82 -19.26
CA VAL C 222 -5.07 -49.95 -18.25
C VAL C 222 -5.05 -48.50 -18.72
N ALA C 223 -3.95 -48.09 -19.34
CA ALA C 223 -3.81 -46.72 -19.83
C ALA C 223 -4.81 -46.46 -20.95
N LYS C 224 -4.98 -47.45 -21.81
CA LYS C 224 -5.92 -47.34 -22.93
C LYS C 224 -7.33 -47.08 -22.42
N SER C 225 -7.73 -47.85 -21.41
CA SER C 225 -9.06 -47.72 -20.83
C SER C 225 -9.24 -46.41 -20.06
N ALA C 226 -8.18 -45.96 -19.41
CA ALA C 226 -8.23 -44.72 -18.65
C ALA C 226 -8.40 -43.51 -19.59
N VAL C 227 -7.65 -43.52 -20.69
CA VAL C 227 -7.70 -42.44 -21.67
C VAL C 227 -9.09 -42.36 -22.32
N ALA C 228 -9.69 -43.51 -22.61
CA ALA C 228 -11.02 -43.54 -23.21
C ALA C 228 -12.06 -42.94 -22.26
N ALA C 229 -11.95 -43.30 -20.99
CA ALA C 229 -12.86 -42.80 -19.97
C ALA C 229 -12.74 -41.28 -19.85
N LEU C 230 -11.51 -40.77 -19.79
CA LEU C 230 -11.26 -39.35 -19.67
C LEU C 230 -11.85 -38.57 -20.86
N LYS C 231 -11.57 -39.06 -22.06
CA LYS C 231 -12.03 -38.44 -23.29
C LYS C 231 -13.56 -38.36 -23.39
N SER C 232 -14.24 -39.27 -22.70
CA SER C 232 -15.71 -39.34 -22.74
C SER C 232 -16.47 -38.10 -22.29
N LEU C 233 -15.89 -37.30 -21.41
CA LEU C 233 -16.58 -36.10 -20.92
C LEU C 233 -16.60 -34.91 -21.87
N TYR C 234 -15.41 -34.43 -22.23
CA TYR C 234 -15.30 -33.27 -23.10
C TYR C 234 -14.56 -33.52 -24.40
N GLY C 235 -14.16 -34.77 -24.63
CA GLY C 235 -13.47 -35.10 -25.86
C GLY C 235 -11.98 -34.78 -25.85
N THR C 236 -11.45 -34.51 -24.66
CA THR C 236 -10.05 -34.20 -24.50
C THR C 236 -9.23 -35.44 -24.88
N SER C 237 -8.28 -35.26 -25.79
CA SER C 237 -7.46 -36.37 -26.24
C SER C 237 -6.10 -36.47 -25.57
N TYR C 238 -5.80 -37.68 -25.11
CA TYR C 238 -4.54 -37.98 -24.44
C TYR C 238 -3.79 -39.07 -25.20
N LYS C 239 -2.47 -38.99 -25.17
CA LYS C 239 -1.63 -40.02 -25.80
C LYS C 239 -1.13 -40.80 -24.59
N TYR C 240 -0.69 -42.03 -24.80
CA TYR C 240 -0.21 -42.83 -23.69
C TYR C 240 0.90 -43.78 -24.14
N GLY C 241 1.74 -44.18 -23.20
CA GLY C 241 2.84 -45.07 -23.49
C GLY C 241 3.91 -44.91 -22.43
N SER C 242 5.06 -45.56 -22.64
CA SER C 242 6.13 -45.45 -21.66
C SER C 242 6.77 -44.06 -21.77
N ILE C 243 7.34 -43.60 -20.67
CA ILE C 243 7.98 -42.29 -20.63
C ILE C 243 9.01 -42.07 -21.74
N ILE C 244 9.97 -42.97 -21.85
CA ILE C 244 11.04 -42.83 -22.84
C ILE C 244 10.60 -42.89 -24.30
N THR C 245 9.55 -43.63 -24.58
CA THR C 245 9.02 -43.76 -25.93
C THR C 245 8.05 -42.64 -26.30
N THR C 246 7.46 -42.02 -25.28
CA THR C 246 6.48 -40.97 -25.52
C THR C 246 6.98 -39.54 -25.50
N ILE C 247 7.85 -39.20 -24.55
CA ILE C 247 8.38 -37.84 -24.51
C ILE C 247 9.89 -37.77 -24.71
N TYR C 248 10.64 -38.46 -23.87
CA TYR C 248 12.10 -38.45 -23.97
C TYR C 248 12.71 -39.17 -22.78
N GLN C 249 13.99 -39.53 -22.88
CA GLN C 249 14.63 -40.19 -21.77
C GLN C 249 14.62 -39.20 -20.62
N ALA C 250 14.37 -39.69 -19.41
CA ALA C 250 14.33 -38.85 -18.23
C ALA C 250 14.72 -39.74 -17.07
N SER C 251 15.76 -39.36 -16.34
CA SER C 251 16.24 -40.17 -15.22
C SER C 251 15.86 -39.62 -13.86
N GLY C 252 15.74 -40.51 -12.89
CA GLY C 252 15.41 -40.09 -11.53
C GLY C 252 13.97 -39.73 -11.26
N GLY C 253 13.06 -40.18 -12.13
CA GLY C 253 11.63 -39.89 -11.97
C GLY C 253 10.97 -40.81 -10.95
N SER C 254 9.96 -40.30 -10.25
CA SER C 254 9.28 -41.04 -9.20
C SER C 254 8.59 -42.36 -9.56
N ILE C 255 7.93 -42.42 -10.71
CA ILE C 255 7.23 -43.64 -11.09
C ILE C 255 8.15 -44.81 -11.43
N ASP C 256 9.35 -44.51 -11.90
CA ASP C 256 10.31 -45.55 -12.22
C ASP C 256 10.78 -46.13 -10.88
N TRP C 257 10.92 -45.26 -9.89
CA TRP C 257 11.34 -45.69 -8.56
C TRP C 257 10.25 -46.55 -7.92
N SER C 258 9.01 -46.05 -7.93
CA SER C 258 7.91 -46.79 -7.33
C SER C 258 7.71 -48.15 -8.00
N TYR C 259 7.77 -48.20 -9.32
CA TYR C 259 7.61 -49.45 -10.02
C TYR C 259 8.71 -50.43 -9.59
N ASN C 260 9.95 -49.94 -9.47
CA ASN C 260 11.05 -50.82 -9.06
C ASN C 260 10.91 -51.26 -7.61
N GLN C 261 9.98 -50.65 -6.90
CA GLN C 261 9.73 -50.99 -5.52
C GLN C 261 8.68 -52.12 -5.44
N GLY C 262 8.11 -52.46 -6.58
CA GLY C 262 7.10 -53.51 -6.61
C GLY C 262 5.67 -52.97 -6.74
N ILE C 263 5.54 -51.65 -6.82
CA ILE C 263 4.23 -51.02 -6.96
C ILE C 263 3.91 -51.05 -8.46
N LYS C 264 3.24 -52.12 -8.88
CA LYS C 264 2.90 -52.32 -10.29
C LYS C 264 2.19 -51.19 -11.02
N TYR C 265 1.11 -50.67 -10.43
CA TYR C 265 0.35 -49.61 -11.08
C TYR C 265 0.91 -48.22 -10.80
N SER C 266 2.00 -47.91 -11.49
CA SER C 266 2.68 -46.63 -11.35
C SER C 266 2.48 -45.82 -12.63
N PHE C 267 1.71 -44.74 -12.51
CA PHE C 267 1.39 -43.89 -13.65
C PHE C 267 1.61 -42.42 -13.37
N THR C 268 1.87 -41.65 -14.43
CA THR C 268 2.02 -40.21 -14.32
C THR C 268 1.08 -39.59 -15.33
N PHE C 269 0.31 -38.62 -14.88
CA PHE C 269 -0.62 -37.91 -15.73
C PHE C 269 -0.01 -36.54 -16.05
N GLU C 270 -0.14 -36.11 -17.30
CA GLU C 270 0.32 -34.79 -17.73
C GLU C 270 -1.00 -34.17 -18.16
N LEU C 271 -1.53 -33.28 -17.34
CA LEU C 271 -2.81 -32.65 -17.58
C LEU C 271 -2.81 -31.61 -18.71
N ARG C 272 -3.95 -30.94 -18.87
CA ARG C 272 -4.09 -29.92 -19.90
C ARG C 272 -3.15 -28.74 -19.62
N ASP C 273 -2.81 -28.01 -20.67
CA ASP C 273 -3.29 -28.32 -22.00
C ASP C 273 -2.08 -28.79 -22.79
N THR C 274 -2.35 -28.36 -24.84
CA THR C 274 -1.17 -28.97 -25.41
C THR C 274 -0.12 -27.89 -25.70
N GLY C 275 -0.27 -26.74 -25.05
CA GLY C 275 0.69 -25.67 -25.24
C GLY C 275 0.11 -24.29 -25.45
N ARG C 276 -1.19 -24.20 -25.70
CA ARG C 276 -1.81 -22.88 -25.92
C ARG C 276 -1.58 -21.99 -24.72
N TYR C 277 -1.88 -22.50 -23.53
CA TYR C 277 -1.69 -21.75 -22.29
C TYR C 277 -0.55 -22.34 -21.45
N GLY C 278 -0.29 -23.63 -21.65
CA GLY C 278 0.77 -24.30 -20.93
C GLY C 278 0.57 -24.29 -19.42
N PHE C 279 1.56 -23.78 -18.71
CA PHE C 279 1.49 -23.72 -17.25
C PHE C 279 0.51 -22.66 -16.75
N LEU C 280 0.17 -21.70 -17.60
CA LEU C 280 -0.77 -20.65 -17.21
C LEU C 280 -2.19 -20.95 -17.67
N LEU C 281 -2.64 -22.16 -17.36
CA LEU C 281 -4.00 -22.60 -17.73
C LEU C 281 -5.01 -21.70 -17.04
N PRO C 282 -6.00 -21.16 -17.79
CA PRO C 282 -7.02 -20.29 -17.22
C PRO C 282 -7.83 -20.97 -16.12
N ALA C 283 -8.22 -20.21 -15.12
CA ALA C 283 -8.99 -20.76 -14.00
C ALA C 283 -10.32 -21.37 -14.44
N SER C 284 -10.83 -20.93 -15.58
CA SER C 284 -12.10 -21.45 -16.10
C SER C 284 -12.00 -22.91 -16.54
N GLN C 285 -10.78 -23.44 -16.60
CA GLN C 285 -10.61 -24.82 -17.02
C GLN C 285 -10.31 -25.77 -15.86
N ILE C 286 -10.19 -25.21 -14.64
CA ILE C 286 -9.89 -26.03 -13.46
C ILE C 286 -10.90 -27.17 -13.25
N ILE C 287 -12.17 -26.82 -13.09
CA ILE C 287 -13.19 -27.84 -12.85
C ILE C 287 -13.30 -28.86 -13.99
N PRO C 288 -13.37 -28.38 -15.25
CA PRO C 288 -13.46 -29.31 -16.38
C PRO C 288 -12.27 -30.27 -16.40
N THR C 289 -11.07 -29.73 -16.15
CA THR C 289 -9.87 -30.55 -16.13
C THR C 289 -9.96 -31.60 -15.04
N ALA C 290 -10.33 -31.16 -13.84
CA ALA C 290 -10.44 -32.07 -12.71
C ALA C 290 -11.52 -33.12 -12.95
N GLN C 291 -12.63 -32.70 -13.54
CA GLN C 291 -13.73 -33.64 -13.82
C GLN C 291 -13.34 -34.78 -14.74
N GLU C 292 -12.69 -34.45 -15.85
CA GLU C 292 -12.30 -35.49 -16.81
C GLU C 292 -11.14 -36.33 -16.27
N THR C 293 -10.23 -35.70 -15.55
CA THR C 293 -9.09 -36.41 -14.98
C THR C 293 -9.57 -37.43 -13.96
N TRP C 294 -10.61 -37.09 -13.21
CA TRP C 294 -11.17 -38.01 -12.22
C TRP C 294 -11.62 -39.33 -12.85
N LEU C 295 -12.23 -39.25 -14.03
CA LEU C 295 -12.69 -40.46 -14.71
C LEU C 295 -11.50 -41.35 -15.05
N GLY C 296 -10.38 -40.72 -15.42
CA GLY C 296 -9.18 -41.47 -15.75
C GLY C 296 -8.56 -42.15 -14.55
N VAL C 297 -8.51 -41.43 -13.43
CA VAL C 297 -7.93 -41.96 -12.19
C VAL C 297 -8.82 -43.04 -11.60
N LEU C 298 -10.13 -42.86 -11.70
CA LEU C 298 -11.08 -43.84 -11.16
C LEU C 298 -10.89 -45.17 -11.91
N THR C 299 -10.69 -45.08 -13.22
CA THR C 299 -10.49 -46.25 -14.05
C THR C 299 -9.28 -47.05 -13.58
N ILE C 300 -8.20 -46.36 -13.26
CA ILE C 300 -6.98 -47.01 -12.80
C ILE C 300 -7.23 -47.65 -11.43
N MET C 301 -7.90 -46.92 -10.54
CA MET C 301 -8.21 -47.44 -9.22
C MET C 301 -9.03 -48.73 -9.29
N GLU C 302 -10.05 -48.73 -10.15
CA GLU C 302 -10.90 -49.91 -10.29
C GLU C 302 -10.10 -51.15 -10.67
N HIS C 303 -9.17 -50.98 -11.62
CA HIS C 303 -8.34 -52.07 -12.07
C HIS C 303 -7.47 -52.58 -10.92
N THR C 304 -7.06 -51.66 -10.05
CA THR C 304 -6.22 -52.01 -8.91
C THR C 304 -6.97 -52.85 -7.88
N VAL C 305 -8.25 -52.52 -7.68
CA VAL C 305 -9.09 -53.25 -6.73
C VAL C 305 -9.32 -54.69 -7.18
N ASN C 306 -9.56 -54.88 -8.47
CA ASN C 306 -9.82 -56.20 -9.01
C ASN C 306 -8.55 -56.95 -9.41
N ASN C 307 -7.41 -56.42 -8.96
CA ASN C 307 -6.11 -57.04 -9.25
C ASN C 307 -5.15 -56.82 -8.10
N ALA D 1 -23.62 24.91 -9.18
CA ALA D 1 -23.43 25.78 -7.99
C ALA D 1 -23.59 24.97 -6.70
N ARG D 2 -24.80 24.92 -6.18
CA ARG D 2 -25.10 24.18 -4.95
C ARG D 2 -26.20 23.17 -5.20
N SER D 3 -25.90 22.19 -6.05
CA SER D 3 -26.80 21.12 -6.45
C SER D 3 -26.32 20.69 -7.83
N THR D 4 -26.12 19.39 -8.02
CA THR D 4 -25.66 18.92 -9.32
C THR D 4 -26.71 19.22 -10.38
N ASN D 5 -27.93 19.54 -9.94
CA ASN D 5 -29.00 19.86 -10.88
C ASN D 5 -28.89 21.29 -11.38
N THR D 6 -28.13 22.11 -10.67
CA THR D 6 -27.95 23.52 -11.05
C THR D 6 -26.60 23.74 -11.73
N PHE D 7 -25.74 22.72 -11.68
CA PHE D 7 -24.41 22.79 -12.26
C PHE D 7 -24.49 22.94 -13.79
N ASN D 8 -23.63 23.79 -14.35
CA ASN D 8 -23.61 24.03 -15.80
C ASN D 8 -22.72 23.00 -16.51
N TYR D 9 -23.34 22.00 -17.11
CA TYR D 9 -22.60 20.94 -17.81
C TYR D 9 -22.14 21.35 -19.20
N ALA D 10 -22.67 22.45 -19.72
CA ALA D 10 -22.34 22.92 -21.05
C ALA D 10 -21.20 23.94 -21.09
N THR D 11 -20.34 23.94 -20.08
CA THR D 11 -19.22 24.86 -20.06
C THR D 11 -18.01 24.17 -19.43
N TYR D 12 -16.82 24.70 -19.66
CA TYR D 12 -15.59 24.13 -19.10
C TYR D 12 -15.36 24.67 -17.70
N HIS D 13 -14.87 23.81 -16.81
CA HIS D 13 -14.65 24.18 -15.42
C HIS D 13 -13.20 24.08 -14.95
N THR D 14 -12.94 24.69 -13.80
CA THR D 14 -11.62 24.68 -13.20
C THR D 14 -11.51 23.45 -12.33
N LEU D 15 -10.32 23.19 -11.82
CA LEU D 15 -10.08 22.03 -10.98
C LEU D 15 -10.95 22.11 -9.72
N ASP D 16 -10.97 23.28 -9.08
CA ASP D 16 -11.76 23.43 -7.87
C ASP D 16 -13.24 23.16 -8.08
N GLU D 17 -13.79 23.63 -9.20
CA GLU D 17 -15.19 23.44 -9.48
C GLU D 17 -15.53 21.97 -9.70
N ILE D 18 -14.63 21.23 -10.32
CA ILE D 18 -14.86 19.81 -10.57
C ILE D 18 -14.77 19.03 -9.26
N TYR D 19 -13.80 19.37 -8.42
CA TYR D 19 -13.63 18.71 -7.13
C TYR D 19 -14.83 18.99 -6.23
N ASP D 20 -15.40 20.19 -6.33
CA ASP D 20 -16.58 20.54 -5.54
C ASP D 20 -17.76 19.73 -6.05
N PHE D 21 -17.83 19.56 -7.37
CA PHE D 21 -18.90 18.80 -8.00
C PHE D 21 -18.94 17.37 -7.44
N MET D 22 -17.77 16.79 -7.25
CA MET D 22 -17.67 15.44 -6.71
C MET D 22 -18.28 15.36 -5.31
N ASP D 23 -18.00 16.36 -4.48
CA ASP D 23 -18.55 16.37 -3.13
C ASP D 23 -20.06 16.50 -3.14
N LEU D 24 -20.59 17.32 -4.05
CA LEU D 24 -22.02 17.50 -4.15
C LEU D 24 -22.67 16.20 -4.61
N LEU D 25 -22.13 15.58 -5.65
CA LEU D 25 -22.70 14.33 -6.14
C LEU D 25 -22.76 13.27 -5.05
N VAL D 26 -21.66 13.09 -4.32
CA VAL D 26 -21.62 12.10 -3.25
C VAL D 26 -22.63 12.42 -2.14
N ALA D 27 -22.76 13.71 -1.82
CA ALA D 27 -23.70 14.14 -0.79
C ALA D 27 -25.16 13.89 -1.22
N GLN D 28 -25.40 13.90 -2.53
CA GLN D 28 -26.74 13.69 -3.06
C GLN D 28 -27.11 12.22 -3.31
N HIS D 29 -26.10 11.39 -3.55
CA HIS D 29 -26.34 9.97 -3.82
C HIS D 29 -25.38 9.11 -3.01
N PRO D 30 -25.48 9.17 -1.67
CA PRO D 30 -24.66 8.44 -0.69
C PRO D 30 -24.66 6.92 -0.84
N GLU D 31 -25.79 6.36 -1.19
CA GLU D 31 -25.91 4.91 -1.33
C GLU D 31 -25.38 4.38 -2.65
N LEU D 32 -24.99 5.28 -3.54
CA LEU D 32 -24.51 4.87 -4.85
C LEU D 32 -23.06 5.25 -5.16
N VAL D 33 -22.65 6.44 -4.71
CA VAL D 33 -21.31 6.89 -5.00
C VAL D 33 -20.50 7.38 -3.80
N SER D 34 -19.20 7.07 -3.83
CA SER D 34 -18.28 7.48 -2.79
C SER D 34 -17.00 8.01 -3.46
N LYS D 35 -16.30 8.89 -2.76
CA LYS D 35 -15.08 9.48 -3.29
C LYS D 35 -13.87 8.88 -2.60
N LEU D 36 -12.93 8.36 -3.40
CA LEU D 36 -11.72 7.76 -2.86
C LEU D 36 -10.49 8.54 -3.29
N GLN D 37 -9.54 8.71 -2.39
CA GLN D 37 -8.30 9.40 -2.73
C GLN D 37 -7.28 8.29 -2.93
N ILE D 38 -6.81 8.12 -4.16
CA ILE D 38 -5.86 7.07 -4.45
C ILE D 38 -4.39 7.52 -4.43
N GLY D 39 -4.17 8.78 -4.08
CA GLY D 39 -2.81 9.30 -4.02
C GLY D 39 -2.77 10.81 -4.12
N ARG D 40 -1.55 11.34 -4.21
CA ARG D 40 -1.36 12.78 -4.34
C ARG D 40 -0.46 13.04 -5.54
N SER D 41 -0.75 14.11 -6.26
CA SER D 41 0.03 14.50 -7.44
C SER D 41 1.44 14.94 -7.03
N TYR D 42 2.28 15.20 -8.01
CA TYR D 42 3.65 15.63 -7.74
C TYR D 42 3.66 16.89 -6.86
N GLU D 43 2.77 17.84 -7.17
CA GLU D 43 2.69 19.08 -6.39
C GLU D 43 1.79 18.98 -5.16
N GLY D 44 1.45 17.75 -4.79
CA GLY D 44 0.65 17.52 -3.59
C GLY D 44 -0.87 17.59 -3.67
N ARG D 45 -1.44 17.73 -4.86
CA ARG D 45 -2.90 17.79 -4.97
C ARG D 45 -3.50 16.41 -4.82
N PRO D 46 -4.65 16.30 -4.13
CA PRO D 46 -5.25 14.98 -3.97
C PRO D 46 -5.77 14.41 -5.30
N ILE D 47 -5.57 13.11 -5.50
CA ILE D 47 -6.05 12.44 -6.71
C ILE D 47 -7.29 11.66 -6.32
N TYR D 48 -8.44 12.03 -6.89
CA TYR D 48 -9.70 11.37 -6.55
C TYR D 48 -10.30 10.47 -7.63
N VAL D 49 -10.95 9.41 -7.17
CA VAL D 49 -11.63 8.47 -8.04
C VAL D 49 -13.05 8.33 -7.46
N LEU D 50 -14.06 8.36 -8.33
CA LEU D 50 -15.43 8.18 -7.87
C LEU D 50 -15.80 6.74 -8.09
N LYS D 51 -16.33 6.11 -7.04
CA LYS D 51 -16.72 4.72 -7.09
C LYS D 51 -18.23 4.58 -7.10
N PHE D 52 -18.77 4.02 -8.18
CA PHE D 52 -20.20 3.81 -8.29
C PHE D 52 -20.41 2.34 -8.00
N SER D 53 -21.21 2.04 -6.97
CA SER D 53 -21.47 0.66 -6.59
C SER D 53 -22.81 0.53 -5.86
N THR D 54 -23.43 -0.64 -6.00
CA THR D 54 -24.70 -0.90 -5.37
C THR D 54 -24.53 -1.91 -4.24
N GLY D 55 -23.27 -2.31 -4.01
CA GLY D 55 -22.99 -3.27 -2.95
C GLY D 55 -21.90 -4.26 -3.31
N GLY D 56 -21.90 -5.40 -2.63
CA GLY D 56 -20.90 -6.41 -2.91
C GLY D 56 -19.58 -6.12 -2.22
N SER D 57 -18.69 -7.11 -2.25
CA SER D 57 -17.38 -6.99 -1.63
C SER D 57 -16.35 -6.45 -2.61
N ASN D 58 -15.96 -7.30 -3.55
CA ASN D 58 -14.98 -6.92 -4.57
C ASN D 58 -15.51 -7.33 -5.94
N ARG D 59 -16.66 -6.77 -6.29
CA ARG D 59 -17.30 -7.08 -7.55
C ARG D 59 -16.43 -6.75 -8.75
N PRO D 60 -16.62 -7.49 -9.86
CA PRO D 60 -15.80 -7.19 -11.04
C PRO D 60 -16.02 -5.71 -11.35
N ALA D 61 -14.97 -5.03 -11.80
CA ALA D 61 -15.07 -3.61 -12.04
C ALA D 61 -14.63 -3.10 -13.40
N ILE D 62 -15.10 -1.89 -13.70
CA ILE D 62 -14.77 -1.20 -14.95
C ILE D 62 -14.00 0.05 -14.58
N TRP D 63 -12.86 0.25 -15.21
CA TRP D 63 -12.06 1.44 -14.95
C TRP D 63 -12.18 2.42 -16.11
N ILE D 64 -12.38 3.69 -15.77
CA ILE D 64 -12.48 4.74 -16.77
C ILE D 64 -11.67 5.96 -16.31
N ASP D 65 -10.68 6.38 -17.08
CA ASP D 65 -9.92 7.56 -16.70
C ASP D 65 -9.99 8.59 -17.83
N LEU D 66 -9.98 9.85 -17.45
CA LEU D 66 -10.05 10.94 -18.41
C LEU D 66 -9.04 11.99 -17.96
N GLY D 67 -8.63 12.84 -18.89
CA GLY D 67 -7.71 13.92 -18.56
C GLY D 67 -6.28 13.57 -18.19
N ILE D 68 -5.78 12.42 -18.61
CA ILE D 68 -4.40 12.07 -18.29
C ILE D 68 -3.51 13.12 -18.97
N HIS D 69 -4.00 13.65 -20.09
CA HIS D 69 -3.30 14.72 -20.82
C HIS D 69 -4.15 15.97 -20.54
N SER D 70 -3.61 16.89 -19.75
CA SER D 70 -4.34 18.08 -19.33
C SER D 70 -5.04 18.96 -20.35
N ARG D 71 -4.45 19.17 -21.52
CA ARG D 71 -5.05 20.03 -22.54
C ARG D 71 -6.29 19.48 -23.27
N GLU D 72 -6.58 18.20 -23.08
CA GLU D 72 -7.73 17.58 -23.74
C GLU D 72 -8.99 17.81 -22.88
N TRP D 73 -9.31 19.09 -22.70
CA TRP D 73 -10.45 19.53 -21.88
C TRP D 73 -11.79 18.85 -22.11
N ILE D 74 -12.08 18.44 -23.33
CA ILE D 74 -13.35 17.78 -23.61
C ILE D 74 -13.46 16.49 -22.78
N THR D 75 -12.33 15.92 -22.38
CA THR D 75 -12.38 14.67 -21.61
C THR D 75 -12.84 14.87 -20.16
N GLN D 76 -12.27 15.84 -19.44
CA GLN D 76 -12.72 16.07 -18.06
C GLN D 76 -14.19 16.51 -18.05
N ALA D 77 -14.58 17.26 -19.07
CA ALA D 77 -15.96 17.75 -19.20
C ALA D 77 -16.90 16.57 -19.43
N THR D 78 -16.45 15.59 -20.22
CA THR D 78 -17.26 14.41 -20.49
C THR D 78 -17.35 13.54 -19.24
N GLY D 79 -16.27 13.53 -18.45
CA GLY D 79 -16.26 12.74 -17.22
C GLY D 79 -17.28 13.28 -16.23
N VAL D 80 -17.37 14.60 -16.13
CA VAL D 80 -18.32 15.23 -15.22
C VAL D 80 -19.76 14.84 -15.62
N TRP D 81 -20.03 14.88 -16.92
CA TRP D 81 -21.36 14.52 -17.43
C TRP D 81 -21.66 13.04 -17.16
N PHE D 82 -20.65 12.18 -17.32
CA PHE D 82 -20.82 10.74 -17.08
C PHE D 82 -21.24 10.48 -15.64
N ALA D 83 -20.53 11.11 -14.72
CA ALA D 83 -20.79 10.95 -13.29
C ALA D 83 -22.25 11.24 -12.96
N LYS D 84 -22.78 12.32 -13.52
CA LYS D 84 -24.17 12.71 -13.29
C LYS D 84 -25.08 11.72 -13.98
N LYS D 85 -24.74 11.36 -15.21
CA LYS D 85 -25.52 10.41 -16.00
C LYS D 85 -25.71 9.10 -15.23
N PHE D 86 -24.65 8.61 -14.61
CA PHE D 86 -24.71 7.35 -13.85
C PHE D 86 -25.79 7.40 -12.76
N THR D 87 -25.83 8.49 -12.00
CA THR D 87 -26.81 8.63 -10.93
C THR D 87 -28.23 8.80 -11.46
N GLU D 88 -28.37 9.35 -12.66
CA GLU D 88 -29.68 9.57 -13.26
C GLU D 88 -30.29 8.34 -13.91
N ASN D 89 -29.45 7.51 -14.54
CA ASN D 89 -29.95 6.33 -15.24
C ASN D 89 -30.10 5.06 -14.41
N TYR D 90 -29.39 4.95 -13.29
CA TYR D 90 -29.52 3.74 -12.49
C TYR D 90 -30.96 3.68 -11.96
N GLY D 91 -31.64 2.58 -12.26
CA GLY D 91 -33.01 2.41 -11.81
C GLY D 91 -34.01 2.83 -12.88
N GLN D 92 -33.54 3.56 -13.89
CA GLN D 92 -34.40 4.03 -14.97
C GLN D 92 -34.08 3.34 -16.29
N ASN D 93 -32.80 3.14 -16.58
CA ASN D 93 -32.39 2.47 -17.80
C ASN D 93 -32.13 1.01 -17.49
N PRO D 94 -32.89 0.10 -18.11
CA PRO D 94 -32.78 -1.34 -17.91
C PRO D 94 -31.37 -1.89 -18.10
N SER D 95 -30.71 -1.46 -19.17
CA SER D 95 -29.35 -1.93 -19.47
C SER D 95 -28.31 -1.48 -18.46
N PHE D 96 -28.27 -0.17 -18.17
CA PHE D 96 -27.30 0.35 -17.23
C PHE D 96 -27.56 -0.19 -15.81
N THR D 97 -28.83 -0.28 -15.44
CA THR D 97 -29.18 -0.78 -14.12
C THR D 97 -28.63 -2.21 -13.93
N ALA D 98 -28.75 -3.03 -14.96
CA ALA D 98 -28.25 -4.40 -14.90
C ALA D 98 -26.74 -4.40 -14.67
N ILE D 99 -26.05 -3.49 -15.33
CA ILE D 99 -24.61 -3.39 -15.18
C ILE D 99 -24.20 -3.04 -13.76
N LEU D 100 -24.76 -1.95 -13.22
CA LEU D 100 -24.43 -1.53 -11.86
C LEU D 100 -24.90 -2.50 -10.78
N ASP D 101 -25.86 -3.37 -11.10
CA ASP D 101 -26.33 -4.33 -10.11
C ASP D 101 -25.35 -5.49 -9.94
N SER D 102 -24.43 -5.64 -10.87
CA SER D 102 -23.45 -6.73 -10.80
C SER D 102 -22.00 -6.27 -10.84
N MET D 103 -21.74 -5.02 -11.23
CA MET D 103 -20.36 -4.54 -11.29
C MET D 103 -20.21 -3.13 -10.74
N ASP D 104 -18.98 -2.79 -10.36
CA ASP D 104 -18.66 -1.46 -9.85
C ASP D 104 -18.01 -0.70 -10.99
N ILE D 105 -18.13 0.63 -10.96
CA ILE D 105 -17.51 1.46 -11.98
C ILE D 105 -16.65 2.48 -11.24
N PHE D 106 -15.40 2.63 -11.66
CA PHE D 106 -14.49 3.58 -11.05
C PHE D 106 -14.17 4.66 -12.07
N LEU D 107 -14.51 5.90 -11.74
CA LEU D 107 -14.29 7.01 -12.65
C LEU D 107 -13.30 8.04 -12.14
N GLU D 108 -12.22 8.25 -12.90
CA GLU D 108 -11.23 9.25 -12.52
C GLU D 108 -11.33 10.37 -13.54
N ILE D 109 -11.99 11.45 -13.14
CA ILE D 109 -12.22 12.60 -14.01
C ILE D 109 -11.00 13.46 -14.32
N VAL D 110 -10.16 13.69 -13.31
CA VAL D 110 -8.95 14.51 -13.53
C VAL D 110 -7.73 13.68 -13.13
N THR D 111 -7.21 12.92 -14.09
CA THR D 111 -6.07 12.04 -13.86
C THR D 111 -4.73 12.77 -13.71
N ASN D 112 -4.65 13.97 -14.26
CA ASN D 112 -3.44 14.79 -14.20
C ASN D 112 -3.86 16.15 -13.65
N PRO D 113 -4.08 16.25 -12.33
CA PRO D 113 -4.51 17.52 -11.74
C PRO D 113 -3.51 18.68 -11.82
N ASN D 114 -2.22 18.40 -11.70
CA ASN D 114 -1.22 19.47 -11.77
C ASN D 114 -1.24 20.09 -13.16
N GLY D 115 -1.28 19.24 -14.19
CA GLY D 115 -1.31 19.75 -15.55
C GLY D 115 -2.58 20.50 -15.83
N PHE D 116 -3.71 19.99 -15.31
CA PHE D 116 -5.00 20.64 -15.53
C PHE D 116 -4.98 22.07 -14.97
N ALA D 117 -4.53 22.21 -13.74
CA ALA D 117 -4.45 23.52 -13.11
C ALA D 117 -3.55 24.43 -13.96
N PHE D 118 -2.48 23.87 -14.49
CA PHE D 118 -1.53 24.63 -15.30
C PHE D 118 -2.16 25.12 -16.60
N THR D 119 -3.08 24.34 -17.17
CA THR D 119 -3.74 24.76 -18.41
C THR D 119 -4.68 25.94 -18.18
N HIS D 120 -5.12 26.11 -16.94
CA HIS D 120 -6.03 27.20 -16.58
C HIS D 120 -5.34 28.50 -16.21
N SER D 121 -4.09 28.43 -15.75
CA SER D 121 -3.39 29.64 -15.33
C SER D 121 -2.15 30.03 -16.12
N GLU D 122 -1.52 29.06 -16.77
CA GLU D 122 -0.29 29.36 -17.51
C GLU D 122 -0.28 29.00 -19.00
N ASN D 123 -0.37 27.71 -19.30
CA ASN D 123 -0.32 27.23 -20.68
C ASN D 123 -1.50 26.32 -21.00
N ARG D 124 -2.46 26.86 -21.76
CA ARG D 124 -3.67 26.14 -22.16
C ARG D 124 -3.40 24.82 -22.89
N LEU D 125 -2.26 24.74 -23.58
CA LEU D 125 -1.93 23.53 -24.32
C LEU D 125 -0.96 22.57 -23.63
N TRP D 126 -0.78 22.72 -22.31
CA TRP D 126 0.13 21.84 -21.60
C TRP D 126 -0.43 20.42 -21.62
N ARG D 127 0.42 19.44 -21.90
CA ARG D 127 0.02 18.04 -22.02
C ARG D 127 0.54 17.09 -20.93
N LYS D 128 1.75 17.36 -20.46
CA LYS D 128 2.42 16.50 -19.48
C LYS D 128 2.10 16.74 -18.01
N THR D 129 2.82 16.03 -17.16
CA THR D 129 2.70 16.17 -15.71
C THR D 129 3.49 17.42 -15.35
N ARG D 130 3.70 17.65 -14.06
CA ARG D 130 4.43 18.83 -13.58
C ARG D 130 5.69 18.49 -12.78
N SER D 131 6.19 17.26 -12.90
CA SER D 131 7.37 16.89 -12.14
C SER D 131 8.64 17.54 -12.66
N VAL D 132 9.55 17.83 -11.73
CA VAL D 132 10.81 18.47 -12.07
C VAL D 132 11.96 17.51 -11.81
N THR D 133 12.91 17.45 -12.74
CA THR D 133 14.07 16.58 -12.57
C THR D 133 15.37 17.33 -12.84
N SER D 134 16.16 17.46 -11.78
CA SER D 134 17.45 18.13 -11.79
C SER D 134 18.11 18.37 -13.14
N SER D 135 18.58 17.28 -13.76
CA SER D 135 19.28 17.33 -15.04
C SER D 135 18.63 18.12 -16.19
N SER D 136 17.57 18.87 -15.91
CA SER D 136 16.91 19.64 -16.96
C SER D 136 16.04 20.78 -16.46
N LEU D 137 15.96 21.85 -17.24
CA LEU D 137 15.13 22.99 -16.89
C LEU D 137 13.71 22.76 -17.38
N CYS D 138 13.53 21.73 -18.20
CA CYS D 138 12.20 21.41 -18.70
C CYS D 138 11.43 20.61 -17.67
N VAL D 139 10.11 20.80 -17.67
CA VAL D 139 9.25 20.15 -16.69
C VAL D 139 8.26 19.16 -17.31
N GLY D 140 7.92 18.14 -16.52
CA GLY D 140 6.92 17.18 -16.93
C GLY D 140 7.27 15.99 -17.78
N VAL D 141 6.45 14.96 -17.62
CA VAL D 141 6.56 13.69 -18.32
C VAL D 141 5.21 13.37 -18.98
N ASP D 142 5.23 12.75 -20.15
CA ASP D 142 3.98 12.37 -20.81
C ASP D 142 3.48 11.15 -20.04
N ALA D 143 2.44 11.34 -19.23
CA ALA D 143 1.89 10.25 -18.43
C ALA D 143 1.43 9.05 -19.26
N ASN D 144 1.15 9.24 -20.55
CA ASN D 144 0.74 8.10 -21.36
C ASN D 144 1.87 7.51 -22.22
N ARG D 145 3.09 7.59 -21.70
CA ARG D 145 4.28 7.04 -22.34
C ARG D 145 5.14 6.51 -21.20
N ASN D 146 4.59 6.63 -20.00
CA ASN D 146 5.27 6.25 -18.75
C ASN D 146 4.89 4.88 -18.17
N TRP D 147 3.98 4.17 -18.82
CA TRP D 147 3.55 2.88 -18.30
C TRP D 147 4.51 1.74 -18.65
N ASP D 148 4.47 0.68 -17.85
CA ASP D 148 5.35 -0.47 -18.05
C ASP D 148 4.84 -1.40 -19.16
N ALA D 149 4.90 -0.92 -20.39
CA ALA D 149 4.47 -1.68 -21.54
C ALA D 149 5.32 -1.21 -22.69
N GLY D 150 6.43 -1.91 -22.92
CA GLY D 150 7.35 -1.54 -23.99
C GLY D 150 7.96 -0.20 -23.69
N PHE D 151 8.10 0.12 -22.40
CA PHE D 151 8.66 1.40 -21.98
C PHE D 151 10.01 1.73 -22.62
N GLY D 152 10.18 3.00 -23.00
CA GLY D 152 11.44 3.44 -23.58
C GLY D 152 11.64 3.09 -25.05
N LYS D 153 10.78 2.25 -25.60
CA LYS D 153 10.93 1.88 -27.01
C LYS D 153 10.40 2.97 -27.94
N ALA D 154 10.54 2.74 -29.23
CA ALA D 154 10.09 3.70 -30.24
C ALA D 154 8.65 4.13 -29.98
N GLY D 155 8.37 5.40 -30.21
CA GLY D 155 7.02 5.90 -29.99
C GLY D 155 6.92 6.81 -28.79
N ALA D 156 8.08 7.16 -28.24
CA ALA D 156 8.17 8.04 -27.09
C ALA D 156 9.50 8.77 -27.20
N SER D 157 9.56 10.00 -26.68
CA SER D 157 10.79 10.78 -26.76
C SER D 157 11.66 10.64 -25.52
N SER D 158 12.97 10.75 -25.72
CA SER D 158 13.92 10.64 -24.62
C SER D 158 14.40 12.03 -24.19
N SER D 159 13.96 13.07 -24.88
CA SER D 159 14.36 14.43 -24.51
C SER D 159 13.35 14.94 -23.49
N PRO D 160 13.82 15.37 -22.32
CA PRO D 160 12.95 15.87 -21.25
C PRO D 160 12.04 17.02 -21.68
N CYS D 161 12.47 17.80 -22.66
CA CYS D 161 11.71 18.94 -23.13
C CYS D 161 10.61 18.58 -24.11
N SER D 162 10.60 17.33 -24.55
CA SER D 162 9.61 16.86 -25.50
C SER D 162 8.22 16.66 -24.91
N GLU D 163 7.22 16.83 -25.77
CA GLU D 163 5.82 16.69 -25.43
C GLU D 163 5.49 15.22 -25.18
N THR D 164 6.38 14.34 -25.63
CA THR D 164 6.17 12.91 -25.47
C THR D 164 7.27 12.21 -24.67
N TYR D 165 7.97 12.97 -23.84
CA TYR D 165 9.03 12.44 -23.00
C TYR D 165 8.49 11.32 -22.09
N HIS D 166 9.12 10.14 -22.14
CA HIS D 166 8.65 9.02 -21.34
C HIS D 166 9.04 8.98 -19.85
N GLY D 167 9.95 9.85 -19.43
CA GLY D 167 10.36 9.85 -18.04
C GLY D 167 11.61 8.99 -17.83
N LYS D 168 12.18 9.04 -16.63
CA LYS D 168 13.39 8.28 -16.33
C LYS D 168 13.19 6.76 -16.32
N TYR D 169 12.06 6.31 -15.82
CA TYR D 169 11.77 4.88 -15.78
C TYR D 169 10.26 4.64 -15.68
N ALA D 170 9.82 3.43 -16.02
CA ALA D 170 8.40 3.11 -15.99
C ALA D 170 7.77 3.38 -14.62
N ASN D 171 6.61 4.04 -14.63
CA ASN D 171 5.87 4.37 -13.42
C ASN D 171 6.56 5.42 -12.54
N SER D 172 7.38 6.26 -13.14
CA SER D 172 8.08 7.30 -12.38
C SER D 172 7.10 8.36 -11.88
N GLU D 173 6.04 8.60 -12.65
CA GLU D 173 5.06 9.61 -12.26
C GLU D 173 4.06 9.06 -11.25
N VAL D 174 3.88 9.76 -10.15
CA VAL D 174 2.96 9.32 -9.11
C VAL D 174 1.53 9.21 -9.62
N GLU D 175 1.18 10.05 -10.59
CA GLU D 175 -0.16 10.00 -11.15
C GLU D 175 -0.40 8.65 -11.82
N VAL D 176 0.65 8.10 -12.43
CA VAL D 176 0.55 6.81 -13.10
C VAL D 176 0.64 5.68 -12.08
N LYS D 177 1.61 5.75 -11.17
CA LYS D 177 1.76 4.69 -10.18
C LYS D 177 0.52 4.55 -9.30
N SER D 178 -0.15 5.67 -9.01
CA SER D 178 -1.35 5.63 -8.17
C SER D 178 -2.42 4.73 -8.77
N ILE D 179 -2.59 4.79 -10.09
CA ILE D 179 -3.56 3.94 -10.77
C ILE D 179 -3.07 2.49 -10.79
N VAL D 180 -1.81 2.28 -11.15
CA VAL D 180 -1.23 0.94 -11.19
C VAL D 180 -1.43 0.21 -9.86
N ASP D 181 -1.08 0.88 -8.76
CA ASP D 181 -1.22 0.25 -7.44
C ASP D 181 -2.66 -0.10 -7.09
N PHE D 182 -3.57 0.82 -7.40
CA PHE D 182 -4.98 0.62 -7.10
C PHE D 182 -5.56 -0.53 -7.92
N VAL D 183 -5.22 -0.58 -9.21
CA VAL D 183 -5.72 -1.64 -10.08
C VAL D 183 -5.14 -2.98 -9.66
N LYS D 184 -3.85 -3.02 -9.35
CA LYS D 184 -3.22 -4.26 -8.91
C LYS D 184 -3.79 -4.76 -7.59
N ASN D 185 -3.95 -3.85 -6.63
CA ASN D 185 -4.50 -4.24 -5.33
C ASN D 185 -5.92 -4.80 -5.46
N HIS D 186 -6.74 -4.13 -6.27
CA HIS D 186 -8.12 -4.54 -6.50
C HIS D 186 -8.16 -5.95 -7.08
N GLY D 187 -7.38 -6.14 -8.14
CA GLY D 187 -7.27 -7.44 -8.78
C GLY D 187 -8.49 -7.97 -9.51
N ASN D 188 -9.59 -7.21 -9.56
CA ASN D 188 -10.75 -7.72 -10.26
C ASN D 188 -11.34 -6.80 -11.32
N PHE D 189 -10.50 -6.06 -12.02
CA PHE D 189 -10.99 -5.19 -13.08
C PHE D 189 -11.18 -6.01 -14.35
N LYS D 190 -12.26 -5.77 -15.07
CA LYS D 190 -12.56 -6.52 -16.28
C LYS D 190 -12.48 -5.63 -17.53
N ALA D 191 -12.58 -4.33 -17.31
CA ALA D 191 -12.51 -3.38 -18.42
C ALA D 191 -11.68 -2.20 -17.95
N PHE D 192 -10.91 -1.62 -18.88
CA PHE D 192 -10.03 -0.48 -18.61
C PHE D 192 -10.13 0.47 -19.81
N LEU D 193 -10.79 1.60 -19.60
CA LEU D 193 -11.00 2.58 -20.65
C LEU D 193 -10.32 3.91 -20.33
N SER D 194 -9.46 4.37 -21.23
CA SER D 194 -8.75 5.64 -21.04
C SER D 194 -9.21 6.57 -22.15
N ILE D 195 -9.74 7.73 -21.77
CA ILE D 195 -10.27 8.68 -22.72
C ILE D 195 -9.39 9.88 -23.02
N HIS D 196 -9.24 10.17 -24.32
CA HIS D 196 -8.42 11.26 -24.82
C HIS D 196 -9.16 12.02 -25.93
N SER D 197 -8.47 12.99 -26.52
CA SER D 197 -8.96 13.76 -27.66
C SER D 197 -7.67 14.25 -28.33
N TYR D 198 -7.68 14.49 -29.64
CA TYR D 198 -8.83 14.35 -30.52
C TYR D 198 -8.40 13.45 -31.68
N SER D 199 -9.36 13.08 -32.53
CA SER D 199 -9.14 12.24 -33.72
C SER D 199 -10.34 11.38 -34.08
N GLN D 200 -11.21 11.14 -33.09
CA GLN D 200 -12.39 10.31 -33.29
C GLN D 200 -11.98 8.90 -33.67
N LEU D 201 -11.32 8.26 -32.73
CA LEU D 201 -10.82 6.89 -32.90
C LEU D 201 -11.16 6.05 -31.68
N LEU D 202 -11.34 4.74 -31.90
CA LEU D 202 -11.61 3.79 -30.84
C LEU D 202 -10.47 2.79 -31.04
N LEU D 203 -9.54 2.76 -30.10
CA LEU D 203 -8.36 1.90 -30.22
C LEU D 203 -8.22 0.79 -29.20
N TYR D 204 -7.56 -0.29 -29.61
CA TYR D 204 -7.26 -1.41 -28.73
C TYR D 204 -5.77 -1.75 -28.90
N PRO D 205 -5.21 -2.58 -28.01
CA PRO D 205 -3.78 -2.95 -28.07
C PRO D 205 -3.35 -3.65 -29.35
N TYR D 206 -2.07 -3.56 -29.70
CA TYR D 206 -1.04 -2.83 -28.95
C TYR D 206 -0.55 -1.61 -29.71
N GLY D 207 0.23 -0.81 -29.00
CA GLY D 207 0.83 0.38 -29.60
C GLY D 207 2.34 0.23 -29.64
N TYR D 208 2.92 -0.54 -28.70
CA TYR D 208 4.37 -0.70 -28.68
C TYR D 208 4.93 -1.81 -29.57
N THR D 209 4.07 -2.73 -30.02
CA THR D 209 4.53 -3.82 -30.86
C THR D 209 3.52 -4.13 -31.96
N THR D 210 4.01 -4.66 -33.08
CA THR D 210 3.13 -5.01 -34.18
C THR D 210 2.46 -6.36 -33.92
N GLN D 211 2.83 -7.02 -32.83
CA GLN D 211 2.25 -8.31 -32.48
C GLN D 211 0.74 -8.15 -32.29
N SER D 212 -0.04 -9.08 -32.85
CA SER D 212 -1.49 -9.04 -32.72
C SER D 212 -1.90 -9.67 -31.39
N ILE D 213 -2.79 -9.00 -30.66
CA ILE D 213 -3.24 -9.55 -29.39
C ILE D 213 -4.04 -10.84 -29.63
N PRO D 214 -4.03 -11.75 -28.65
CA PRO D 214 -4.77 -13.01 -28.79
C PRO D 214 -6.27 -12.80 -28.94
N ASP D 215 -6.80 -11.71 -28.38
CA ASP D 215 -8.23 -11.41 -28.45
C ASP D 215 -8.60 -10.42 -29.54
N LYS D 216 -7.76 -10.30 -30.57
CA LYS D 216 -8.00 -9.36 -31.66
C LYS D 216 -9.39 -9.48 -32.29
N THR D 217 -9.80 -10.70 -32.61
CA THR D 217 -11.10 -10.91 -33.24
C THR D 217 -12.27 -10.42 -32.39
N GLU D 218 -12.26 -10.71 -31.09
CA GLU D 218 -13.35 -10.27 -30.23
C GLU D 218 -13.35 -8.76 -30.03
N LEU D 219 -12.20 -8.19 -29.68
CA LEU D 219 -12.13 -6.75 -29.44
C LEU D 219 -12.45 -5.92 -30.68
N ASN D 220 -12.03 -6.39 -31.84
CA ASN D 220 -12.31 -5.67 -33.08
C ASN D 220 -13.83 -5.61 -33.29
N GLN D 221 -14.52 -6.70 -32.97
CA GLN D 221 -15.96 -6.74 -33.15
C GLN D 221 -16.63 -5.85 -32.11
N VAL D 222 -16.12 -5.84 -30.89
CA VAL D 222 -16.70 -4.99 -29.85
C VAL D 222 -16.52 -3.54 -30.29
N ALA D 223 -15.34 -3.22 -30.79
CA ALA D 223 -15.05 -1.87 -31.25
C ALA D 223 -15.98 -1.48 -32.39
N LYS D 224 -16.22 -2.42 -33.29
CA LYS D 224 -17.10 -2.17 -34.43
C LYS D 224 -18.50 -1.78 -33.93
N SER D 225 -19.03 -2.55 -32.98
CA SER D 225 -20.35 -2.29 -32.42
C SER D 225 -20.44 -0.97 -31.65
N ALA D 226 -19.41 -0.66 -30.88
CA ALA D 226 -19.38 0.57 -30.10
C ALA D 226 -19.39 1.78 -31.02
N VAL D 227 -18.62 1.71 -32.09
CA VAL D 227 -18.53 2.79 -33.07
C VAL D 227 -19.88 3.01 -33.76
N ALA D 228 -20.58 1.91 -34.04
CA ALA D 228 -21.89 2.01 -34.69
C ALA D 228 -22.90 2.68 -33.76
N ALA D 229 -22.87 2.30 -32.49
CA ALA D 229 -23.78 2.87 -31.50
C ALA D 229 -23.52 4.37 -31.37
N LEU D 230 -22.25 4.74 -31.24
CA LEU D 230 -21.86 6.13 -31.08
C LEU D 230 -22.29 6.99 -32.28
N LYS D 231 -22.15 6.45 -33.48
CA LYS D 231 -22.52 7.16 -34.70
C LYS D 231 -24.02 7.38 -34.83
N SER D 232 -24.82 6.47 -34.27
CA SER D 232 -26.27 6.55 -34.38
C SER D 232 -26.94 7.80 -33.86
N LEU D 233 -26.24 8.55 -33.01
CA LEU D 233 -26.84 9.74 -32.43
C LEU D 233 -26.80 10.98 -33.32
N TYR D 234 -25.60 11.38 -33.72
CA TYR D 234 -25.43 12.56 -34.56
C TYR D 234 -24.68 12.30 -35.86
N GLY D 235 -24.34 11.04 -36.11
CA GLY D 235 -23.63 10.71 -37.33
C GLY D 235 -22.12 10.90 -37.27
N THR D 236 -21.57 11.06 -36.07
CA THR D 236 -20.12 11.26 -35.90
C THR D 236 -19.35 10.02 -36.31
N SER D 237 -18.41 10.18 -37.24
CA SER D 237 -17.62 9.06 -37.74
C SER D 237 -16.32 8.76 -37.01
N TYR D 238 -16.22 7.53 -36.51
CA TYR D 238 -15.05 7.05 -35.80
C TYR D 238 -14.38 5.90 -36.56
N LYS D 239 -13.06 5.82 -36.47
CA LYS D 239 -12.33 4.73 -37.09
C LYS D 239 -11.88 3.90 -35.89
N TYR D 240 -11.60 2.61 -36.10
CA TYR D 240 -11.17 1.76 -35.00
C TYR D 240 -10.12 0.76 -35.46
N GLY D 241 -9.37 0.25 -34.51
CA GLY D 241 -8.33 -0.72 -34.80
C GLY D 241 -7.27 -0.69 -33.72
N SER D 242 -6.18 -1.41 -33.92
CA SER D 242 -5.11 -1.43 -32.92
C SER D 242 -4.40 -0.09 -32.99
N ILE D 243 -3.77 0.30 -31.89
CA ILE D 243 -3.05 1.56 -31.82
C ILE D 243 -2.00 1.74 -32.91
N ILE D 244 -1.09 0.78 -33.01
CA ILE D 244 0.00 0.85 -33.96
C ILE D 244 -0.41 0.86 -35.44
N THR D 245 -1.53 0.24 -35.76
CA THR D 245 -2.00 0.19 -37.15
C THR D 245 -2.91 1.36 -37.52
N THR D 246 -3.46 2.03 -36.52
CA THR D 246 -4.37 3.14 -36.76
C THR D 246 -3.70 4.51 -36.65
N ILE D 247 -2.80 4.66 -35.69
CA ILE D 247 -2.09 5.92 -35.51
C ILE D 247 -0.62 5.76 -35.89
N TYR D 248 0.14 5.19 -34.96
CA TYR D 248 1.56 4.97 -35.16
C TYR D 248 2.10 4.17 -33.97
N GLN D 249 3.39 3.87 -34.00
CA GLN D 249 4.01 3.14 -32.92
C GLN D 249 4.10 4.07 -31.71
N ALA D 250 3.58 3.62 -30.57
CA ALA D 250 3.61 4.41 -29.35
C ALA D 250 3.86 3.47 -28.18
N SER D 251 4.93 3.73 -27.44
CA SER D 251 5.29 2.88 -26.31
C SER D 251 4.96 3.47 -24.94
N GLY D 252 4.69 2.59 -23.99
CA GLY D 252 4.40 3.03 -22.63
C GLY D 252 2.98 3.52 -22.39
N GLY D 253 2.04 3.10 -23.23
CA GLY D 253 0.65 3.50 -23.10
C GLY D 253 -0.14 2.68 -22.09
N SER D 254 -1.14 3.31 -21.47
CA SER D 254 -1.92 2.65 -20.44
C SER D 254 -2.67 1.37 -20.82
N ILE D 255 -3.37 1.37 -21.95
CA ILE D 255 -4.14 0.20 -22.35
C ILE D 255 -3.27 -1.00 -22.69
N ASP D 256 -2.03 -0.75 -23.11
CA ASP D 256 -1.12 -1.84 -23.41
C ASP D 256 -0.74 -2.47 -22.06
N TRP D 257 -0.52 -1.63 -21.07
CA TRP D 257 -0.20 -2.12 -19.73
C TRP D 257 -1.39 -2.91 -19.14
N SER D 258 -2.58 -2.33 -19.18
CA SER D 258 -3.76 -2.98 -18.62
C SER D 258 -4.07 -4.32 -19.28
N TYR D 259 -3.94 -4.37 -20.60
CA TYR D 259 -4.20 -5.62 -21.31
C TYR D 259 -3.19 -6.68 -20.86
N ASN D 260 -1.93 -6.29 -20.72
CA ASN D 260 -0.90 -7.24 -20.29
C ASN D 260 -1.09 -7.71 -18.86
N GLN D 261 -1.95 -7.01 -18.12
CA GLN D 261 -2.25 -7.38 -16.74
C GLN D 261 -3.44 -8.35 -16.71
N GLY D 262 -3.96 -8.69 -17.88
CA GLY D 262 -5.09 -9.61 -17.94
C GLY D 262 -6.44 -8.95 -18.09
N ILE D 263 -6.47 -7.62 -18.20
CA ILE D 263 -7.73 -6.90 -18.37
C ILE D 263 -8.00 -6.88 -19.86
N LYS D 264 -8.82 -7.83 -20.31
CA LYS D 264 -9.13 -8.00 -21.72
C LYS D 264 -9.76 -6.83 -22.46
N TYR D 265 -10.79 -6.24 -21.88
CA TYR D 265 -11.46 -5.13 -22.54
C TYR D 265 -10.79 -3.80 -22.26
N SER D 266 -9.63 -3.61 -22.89
CA SER D 266 -8.85 -2.39 -22.74
C SER D 266 -8.96 -1.57 -24.03
N PHE D 267 -9.55 -0.39 -23.93
CA PHE D 267 -9.75 0.49 -25.08
C PHE D 267 -9.44 1.94 -24.77
N THR D 268 -9.02 2.67 -25.80
CA THR D 268 -8.78 4.09 -25.67
C THR D 268 -9.70 4.79 -26.65
N PHE D 269 -10.38 5.83 -26.17
CA PHE D 269 -11.29 6.63 -26.97
C PHE D 269 -10.57 7.95 -27.27
N GLU D 270 -10.61 8.38 -28.53
CA GLU D 270 -10.06 9.68 -28.94
C GLU D 270 -11.31 10.41 -29.40
N LEU D 271 -11.74 11.40 -28.62
CA LEU D 271 -12.95 12.15 -28.91
C LEU D 271 -12.86 13.19 -30.03
N ARG D 272 -13.91 14.00 -30.16
CA ARG D 272 -13.95 15.04 -31.17
C ARG D 272 -12.93 16.12 -30.88
N ASP D 273 -12.46 16.79 -31.93
CA ASP D 273 -12.90 16.51 -33.27
C ASP D 273 -11.68 15.97 -33.99
N THR D 274 -11.95 16.36 -36.09
CA THR D 274 -10.77 15.67 -36.59
C THR D 274 -9.66 16.67 -36.87
N GLY D 275 -9.69 17.81 -36.19
CA GLY D 275 -8.66 18.80 -36.39
C GLY D 275 -9.10 20.24 -36.56
N ARG D 276 -10.36 20.50 -36.89
CA ARG D 276 -10.81 21.88 -37.06
C ARG D 276 -10.50 22.71 -35.80
N TYR D 277 -10.95 22.22 -34.66
CA TYR D 277 -10.73 22.90 -33.38
C TYR D 277 -9.65 22.23 -32.56
N GLY D 278 -9.47 20.92 -32.77
CA GLY D 278 -8.45 20.20 -32.03
C GLY D 278 -8.76 20.19 -30.55
N PHE D 279 -7.78 20.58 -29.73
CA PHE D 279 -7.96 20.61 -28.28
C PHE D 279 -8.88 21.72 -27.81
N LEU D 280 -9.01 22.76 -28.63
CA LEU D 280 -9.86 23.89 -28.28
C LEU D 280 -11.30 23.72 -28.79
N LEU D 281 -11.90 22.58 -28.47
CA LEU D 281 -13.26 22.30 -28.91
C LEU D 281 -14.26 23.23 -28.21
N PRO D 282 -15.16 23.88 -28.98
CA PRO D 282 -16.16 24.80 -28.42
C PRO D 282 -17.05 24.14 -27.36
N ALA D 283 -17.35 24.90 -26.30
CA ALA D 283 -18.18 24.40 -25.20
C ALA D 283 -19.53 23.91 -25.70
N SER D 284 -20.00 24.48 -26.81
CA SER D 284 -21.28 24.07 -27.37
C SER D 284 -21.30 22.61 -27.85
N GLN D 285 -20.12 21.99 -27.91
CA GLN D 285 -20.06 20.60 -28.35
C GLN D 285 -19.87 19.61 -27.19
N ILE D 286 -19.77 20.13 -25.97
CA ILE D 286 -19.58 19.28 -24.79
C ILE D 286 -20.68 18.23 -24.61
N ILE D 287 -21.92 18.67 -24.46
CA ILE D 287 -23.01 17.72 -24.25
C ILE D 287 -23.18 16.72 -25.41
N PRO D 288 -23.18 17.21 -26.66
CA PRO D 288 -23.33 16.29 -27.81
C PRO D 288 -22.21 15.24 -27.83
N THR D 289 -20.98 15.67 -27.51
CA THR D 289 -19.85 14.75 -27.49
C THR D 289 -20.04 13.73 -26.37
N ALA D 290 -20.43 14.21 -25.21
CA ALA D 290 -20.66 13.33 -24.06
C ALA D 290 -21.77 12.33 -24.34
N GLN D 291 -22.87 12.80 -24.90
CA GLN D 291 -24.01 11.95 -25.22
C GLN D 291 -23.69 10.77 -26.15
N GLU D 292 -23.03 11.05 -27.27
CA GLU D 292 -22.69 10.00 -28.23
C GLU D 292 -21.60 9.07 -27.67
N THR D 293 -20.68 9.64 -26.90
CA THR D 293 -19.60 8.84 -26.31
C THR D 293 -20.16 7.83 -25.32
N TRP D 294 -21.20 8.24 -24.60
CA TRP D 294 -21.85 7.37 -23.62
C TRP D 294 -22.36 6.11 -24.29
N LEU D 295 -22.92 6.26 -25.49
CA LEU D 295 -23.47 5.11 -26.22
C LEU D 295 -22.39 4.09 -26.56
N GLY D 296 -21.21 4.58 -26.92
CA GLY D 296 -20.11 3.69 -27.24
C GLY D 296 -19.59 3.01 -25.99
N VAL D 297 -19.51 3.77 -24.90
CA VAL D 297 -19.03 3.22 -23.64
C VAL D 297 -20.01 2.19 -23.09
N LEU D 298 -21.31 2.51 -23.13
CA LEU D 298 -22.32 1.58 -22.62
C LEU D 298 -22.22 0.26 -23.37
N THR D 299 -21.98 0.33 -24.69
CA THR D 299 -21.88 -0.85 -25.52
C THR D 299 -20.76 -1.77 -25.02
N ILE D 300 -19.62 -1.18 -24.69
CA ILE D 300 -18.49 -1.95 -24.20
C ILE D 300 -18.84 -2.57 -22.85
N MET D 301 -19.47 -1.78 -21.98
CA MET D 301 -19.88 -2.27 -20.66
C MET D 301 -20.82 -3.47 -20.77
N GLU D 302 -21.79 -3.39 -21.68
CA GLU D 302 -22.75 -4.47 -21.88
C GLU D 302 -22.05 -5.77 -22.24
N HIS D 303 -21.05 -5.67 -23.10
CA HIS D 303 -20.29 -6.84 -23.52
C HIS D 303 -19.55 -7.44 -22.32
N THR D 304 -18.93 -6.57 -21.54
CA THR D 304 -18.17 -7.00 -20.36
C THR D 304 -19.02 -7.77 -19.36
N VAL D 305 -20.24 -7.30 -19.11
CA VAL D 305 -21.14 -7.96 -18.17
C VAL D 305 -21.50 -9.36 -18.63
N ASN D 306 -21.79 -9.51 -19.92
CA ASN D 306 -22.16 -10.80 -20.48
C ASN D 306 -20.94 -11.64 -20.84
N ASN D 307 -19.76 -11.22 -20.38
CA ASN D 307 -18.53 -11.94 -20.66
C ASN D 307 -17.57 -11.85 -19.48
#